data_5H6T
#
_entry.id   5H6T
#
_cell.length_a   122.162
_cell.length_b   128.068
_cell.length_c   159.304
_cell.angle_alpha   90.00
_cell.angle_beta   90.00
_cell.angle_gamma   90.00
#
_symmetry.space_group_name_H-M   'C 2 2 21'
#
loop_
_entity.id
_entity.type
_entity.pdbx_description
1 polymer Amidase
2 water water
#
_entity_poly.entity_id   1
_entity_poly.type   'polypeptide(L)'
_entity_poly.pdbx_seq_one_letter_code
;GSSHHHHHHSSGLVPRGSHMASAQETTRLTATEIRARISEGAASREEVVHEHLDRIDEFNALTNSFVELRADQVLEEARA
ADREFGSTLGGPLDGVPLSIKDSYSVAGLHRTDGLPVNADVLDAQDDVATARLRAAGGLVLGHAGIPDLCIRWNSVSGLY
GAVRNPRDLSRTAGGSSGGDAANVAAGFATIGLGGDLGGSIRVPASWCGVYGFRTGPGRIPDVNPNGGRSRNVVMELMAQ
IGPIARSIDDIELAFRIMTGVDRRDTMSSPLGLIEPIEAPRVAVLRHETGAVLDSSVEEQLDATIEMLRAEGYVVEENVL
PDLHRAPEVWAEIVGTELIHRVLPEVAELVIASERMHIVDMFGAYELGADVGAYLTALEERSSIQMTVAALMERYQLILA
PVAGMPAPPLDFDDHIGREASIALFDQMRCVPWVNLLGLPSLALPNGIQLVGRKHDELTILAAGRAYERRAPRVEIATPA
I
;
_entity_poly.pdbx_strand_id   A,B
#
# COMPACT_ATOMS: atom_id res chain seq x y z
N GLU A 25 39.78 -1.68 -23.19
CA GLU A 25 39.68 -2.39 -21.87
C GLU A 25 38.20 -2.52 -21.52
N THR A 26 37.86 -3.54 -20.74
CA THR A 26 36.45 -3.81 -20.39
C THR A 26 35.84 -2.76 -19.45
N THR A 27 36.69 -1.96 -18.81
CA THR A 27 36.25 -0.86 -17.94
C THR A 27 35.46 0.22 -18.70
N ARG A 28 35.64 0.27 -20.02
CA ARG A 28 34.92 1.19 -20.91
C ARG A 28 33.64 0.64 -21.52
N LEU A 29 33.36 -0.64 -21.30
CA LEU A 29 32.34 -1.37 -22.03
C LEU A 29 31.07 -1.54 -21.22
N THR A 30 29.97 -1.79 -21.92
CA THR A 30 28.69 -2.11 -21.28
C THR A 30 28.62 -3.60 -20.96
N ALA A 31 27.61 -4.01 -20.21
CA ALA A 31 27.48 -5.41 -19.82
C ALA A 31 27.41 -6.35 -21.02
N THR A 32 26.66 -5.98 -22.06
CA THR A 32 26.52 -6.83 -23.24
C THR A 32 27.86 -7.00 -23.95
N GLU A 33 28.63 -5.91 -23.99
CA GLU A 33 29.94 -5.92 -24.65
C GLU A 33 30.94 -6.78 -23.88
N ILE A 34 30.93 -6.67 -22.56
CA ILE A 34 31.79 -7.53 -21.74
C ILE A 34 31.44 -9.00 -21.95
N ARG A 35 30.16 -9.32 -21.92
CA ARG A 35 29.70 -10.70 -22.03
C ARG A 35 30.03 -11.28 -23.40
N ALA A 36 29.98 -10.44 -24.44
CA ALA A 36 30.38 -10.86 -25.79
C ALA A 36 31.85 -11.24 -25.84
N ARG A 37 32.70 -10.46 -25.17
CA ARG A 37 34.12 -10.80 -25.07
C ARG A 37 34.35 -12.12 -24.38
N ILE A 38 33.62 -12.36 -23.31
CA ILE A 38 33.75 -13.61 -22.58
C ILE A 38 33.28 -14.79 -23.43
N SER A 39 32.12 -14.66 -24.06
CA SER A 39 31.54 -15.74 -24.84
C SER A 39 32.39 -16.11 -26.07
N GLU A 40 33.09 -15.12 -26.62
CA GLU A 40 33.99 -15.33 -27.77
C GLU A 40 35.36 -15.87 -27.35
N GLY A 41 35.62 -15.98 -26.06
CA GLY A 41 36.90 -16.43 -25.55
C GLY A 41 38.02 -15.41 -25.60
N ALA A 42 37.68 -14.14 -25.80
CA ALA A 42 38.65 -13.05 -25.87
C ALA A 42 39.07 -12.54 -24.48
N ALA A 43 38.22 -12.79 -23.48
CA ALA A 43 38.54 -12.43 -22.09
C ALA A 43 37.96 -13.51 -21.20
N SER A 44 38.61 -13.78 -20.06
CA SER A 44 38.01 -14.57 -19.01
C SER A 44 37.32 -13.63 -18.02
N ARG A 45 36.45 -14.18 -17.18
CA ARG A 45 35.84 -13.40 -16.09
C ARG A 45 36.91 -12.85 -15.16
N GLU A 46 37.89 -13.68 -14.84
CA GLU A 46 38.98 -13.22 -14.00
C GLU A 46 39.74 -12.03 -14.61
N GLU A 47 39.99 -12.06 -15.93
CA GLU A 47 40.62 -10.94 -16.61
C GLU A 47 39.78 -9.66 -16.51
N VAL A 48 38.47 -9.80 -16.68
CA VAL A 48 37.56 -8.65 -16.56
C VAL A 48 37.66 -8.02 -15.17
N VAL A 49 37.61 -8.88 -14.16
CA VAL A 49 37.69 -8.41 -12.78
C VAL A 49 39.05 -7.74 -12.51
N HIS A 50 40.14 -8.35 -12.97
CA HIS A 50 41.47 -7.78 -12.79
C HIS A 50 41.56 -6.38 -13.41
N GLU A 51 41.01 -6.20 -14.62
CA GLU A 51 41.01 -4.89 -15.28
C GLU A 51 40.32 -3.82 -14.43
N HIS A 52 39.18 -4.17 -13.82
CA HIS A 52 38.46 -3.22 -12.97
C HIS A 52 39.20 -2.98 -11.65
N LEU A 53 39.65 -4.05 -11.00
CA LEU A 53 40.43 -3.89 -9.78
C LEU A 53 41.71 -3.09 -9.98
N ASP A 54 42.41 -3.30 -11.09
CA ASP A 54 43.63 -2.52 -11.36
C ASP A 54 43.32 -1.03 -11.57
N ARG A 55 42.18 -0.73 -12.22
CA ARG A 55 41.79 0.65 -12.42
C ARG A 55 41.40 1.31 -11.10
N ILE A 56 40.69 0.59 -10.26
CA ILE A 56 40.37 1.04 -8.91
C ILE A 56 41.66 1.32 -8.15
N ASP A 57 42.60 0.40 -8.20
CA ASP A 57 43.84 0.62 -7.45
C ASP A 57 44.57 1.86 -7.94
N GLU A 58 44.51 2.13 -9.23
CA GLU A 58 45.17 3.32 -9.78
C GLU A 58 44.48 4.64 -9.41
N PHE A 59 43.15 4.69 -9.44
CA PHE A 59 42.44 5.97 -9.38
C PHE A 59 41.49 6.20 -8.19
N ASN A 60 41.19 5.16 -7.44
CA ASN A 60 40.23 5.29 -6.33
C ASN A 60 40.73 6.14 -5.17
N ALA A 61 42.05 6.34 -5.05
CA ALA A 61 42.55 7.31 -4.07
C ALA A 61 42.06 8.72 -4.36
N LEU A 62 41.80 9.02 -5.64
CA LEU A 62 41.30 10.33 -6.04
C LEU A 62 39.79 10.50 -5.85
N THR A 63 39.01 9.48 -6.19
CA THR A 63 37.55 9.57 -6.05
C THR A 63 37.02 9.16 -4.69
N ASN A 64 37.72 8.23 -4.02
CA ASN A 64 37.29 7.70 -2.71
C ASN A 64 35.86 7.16 -2.81
N SER A 65 35.56 6.49 -3.90
CA SER A 65 34.20 6.03 -4.19
C SER A 65 33.93 4.57 -3.85
N PHE A 66 34.94 3.69 -4.01
CA PHE A 66 34.87 2.34 -3.46
C PHE A 66 35.46 2.36 -2.06
N VAL A 67 34.62 2.19 -1.05
CA VAL A 67 35.05 2.36 0.33
C VAL A 67 35.43 1.05 1.03
N GLU A 68 34.96 -0.06 0.49
CA GLU A 68 35.32 -1.39 0.97
C GLU A 68 35.36 -2.33 -0.20
N LEU A 69 36.49 -2.98 -0.43
CA LEU A 69 36.64 -3.90 -1.54
C LEU A 69 36.66 -5.34 -1.05
N ARG A 70 36.26 -6.25 -1.94
CA ARG A 70 36.36 -7.70 -1.72
C ARG A 70 37.12 -8.34 -2.88
N ALA A 71 38.33 -7.83 -3.12
CA ALA A 71 39.14 -8.22 -4.29
C ALA A 71 39.45 -9.71 -4.38
N ASP A 72 40.04 -10.27 -3.32
CA ASP A 72 40.37 -11.68 -3.32
C ASP A 72 39.13 -12.54 -3.54
N GLN A 73 38.04 -12.17 -2.89
CA GLN A 73 36.84 -12.97 -2.88
C GLN A 73 36.14 -12.94 -4.24
N VAL A 74 36.13 -11.77 -4.89
CA VAL A 74 35.47 -11.67 -6.20
C VAL A 74 36.32 -12.33 -7.28
N LEU A 75 37.64 -12.24 -7.15
CA LEU A 75 38.53 -12.97 -8.07
C LEU A 75 38.32 -14.49 -7.96
N GLU A 76 38.15 -15.00 -6.74
CA GLU A 76 37.80 -16.39 -6.56
C GLU A 76 36.49 -16.76 -7.25
N GLU A 77 35.48 -15.92 -7.13
CA GLU A 77 34.20 -16.15 -7.80
C GLU A 77 34.36 -16.19 -9.33
N ALA A 78 35.11 -15.25 -9.86
CA ALA A 78 35.37 -15.16 -11.29
C ALA A 78 36.10 -16.39 -11.81
N ARG A 79 37.17 -16.77 -11.11
CA ARG A 79 37.91 -17.97 -11.45
C ARG A 79 37.06 -19.24 -11.39
N ALA A 80 36.22 -19.36 -10.37
CA ALA A 80 35.34 -20.52 -10.20
C ALA A 80 34.49 -20.73 -11.43
N ALA A 81 33.90 -19.63 -11.90
CA ALA A 81 33.02 -19.69 -13.06
C ALA A 81 33.83 -19.97 -14.33
N ASP A 82 35.01 -19.36 -14.46
CA ASP A 82 35.89 -19.66 -15.60
C ASP A 82 36.23 -21.15 -15.66
N ARG A 83 36.64 -21.72 -14.53
CA ARG A 83 37.03 -23.14 -14.52
C ARG A 83 35.88 -24.09 -14.82
N GLU A 84 34.70 -23.80 -14.27
CA GLU A 84 33.57 -24.71 -14.40
C GLU A 84 32.91 -24.61 -15.78
N PHE A 85 32.77 -23.39 -16.27
CA PHE A 85 32.00 -23.13 -17.50
C PHE A 85 32.72 -22.51 -18.69
N GLY A 86 33.92 -21.97 -18.49
CA GLY A 86 34.68 -21.34 -19.57
C GLY A 86 33.87 -20.26 -20.27
N SER A 87 33.92 -20.25 -21.59
N SER A 87 33.92 -20.26 -21.59
CA SER A 87 33.26 -19.22 -22.40
CA SER A 87 33.27 -19.21 -22.39
C SER A 87 31.73 -19.30 -22.47
C SER A 87 31.74 -19.33 -22.52
N THR A 88 31.14 -20.36 -21.93
CA THR A 88 29.68 -20.47 -21.86
C THR A 88 29.17 -19.57 -20.73
N LEU A 89 28.30 -18.64 -21.08
CA LEU A 89 27.71 -17.73 -20.10
C LEU A 89 26.60 -18.43 -19.33
N GLY A 90 26.55 -18.15 -18.04
CA GLY A 90 25.52 -18.69 -17.16
C GLY A 90 24.31 -17.78 -17.09
N GLY A 91 24.13 -17.13 -15.95
CA GLY A 91 23.04 -16.20 -15.77
C GLY A 91 23.26 -14.91 -16.52
N PRO A 92 22.25 -14.05 -16.53
CA PRO A 92 22.27 -12.84 -17.35
C PRO A 92 23.26 -11.75 -16.94
N LEU A 93 23.80 -11.82 -15.71
CA LEU A 93 24.86 -10.90 -15.24
C LEU A 93 26.22 -11.58 -15.10
N ASP A 94 26.36 -12.82 -15.54
CA ASP A 94 27.65 -13.52 -15.48
C ASP A 94 28.71 -12.68 -16.17
N GLY A 95 29.83 -12.44 -15.48
CA GLY A 95 30.95 -11.69 -16.02
C GLY A 95 30.91 -10.19 -15.77
N VAL A 96 29.86 -9.69 -15.10
CA VAL A 96 29.64 -8.24 -15.01
C VAL A 96 30.02 -7.70 -13.62
N PRO A 97 31.04 -6.83 -13.54
CA PRO A 97 31.41 -6.25 -12.23
C PRO A 97 30.42 -5.22 -11.74
N LEU A 98 30.16 -5.29 -10.43
CA LEU A 98 29.14 -4.47 -9.77
C LEU A 98 29.67 -3.64 -8.60
N SER A 99 29.11 -2.44 -8.44
CA SER A 99 29.27 -1.60 -7.27
C SER A 99 27.97 -1.62 -6.47
N ILE A 100 28.03 -1.82 -5.15
CA ILE A 100 26.82 -1.83 -4.34
C ILE A 100 26.94 -0.76 -3.26
N LYS A 101 25.94 0.10 -3.15
CA LYS A 101 25.90 1.10 -2.06
C LYS A 101 26.05 0.45 -0.69
N ASP A 102 26.82 1.09 0.19
CA ASP A 102 26.97 0.64 1.59
C ASP A 102 25.66 0.22 2.23
N SER A 103 24.57 0.90 1.91
CA SER A 103 23.26 0.64 2.50
C SER A 103 22.69 -0.75 2.28
N TYR A 104 23.09 -1.40 1.19
CA TYR A 104 22.52 -2.67 0.79
C TYR A 104 23.49 -3.78 1.15
N SER A 105 23.02 -4.71 1.98
CA SER A 105 23.89 -5.75 2.51
C SER A 105 24.48 -6.62 1.43
N VAL A 106 25.76 -6.92 1.61
CA VAL A 106 26.48 -7.88 0.80
C VAL A 106 27.12 -8.82 1.82
N ALA A 107 26.86 -10.12 1.71
CA ALA A 107 27.42 -11.10 2.65
C ALA A 107 28.92 -10.92 2.68
N GLY A 108 29.48 -10.69 3.86
CA GLY A 108 30.93 -10.51 4.03
C GLY A 108 31.48 -9.10 3.96
N LEU A 109 30.60 -8.12 3.72
CA LEU A 109 30.95 -6.72 3.77
C LEU A 109 30.27 -6.03 4.94
N HIS A 110 30.88 -4.93 5.36
CA HIS A 110 30.35 -4.10 6.43
C HIS A 110 29.28 -3.15 5.93
N ARG A 111 28.27 -2.92 6.75
CA ARG A 111 27.21 -1.98 6.43
C ARG A 111 27.21 -0.96 7.54
N THR A 112 27.62 0.26 7.23
CA THR A 112 27.98 1.24 8.27
C THR A 112 27.12 2.51 8.34
N ASP A 113 26.42 2.85 7.26
CA ASP A 113 25.72 4.14 7.17
C ASP A 113 26.69 5.32 7.27
N GLY A 114 27.96 5.05 7.00
CA GLY A 114 29.02 6.06 7.09
C GLY A 114 29.58 6.32 8.47
N LEU A 115 29.03 5.65 9.50
CA LEU A 115 29.31 6.02 10.89
C LEU A 115 30.41 5.15 11.52
N PRO A 116 31.44 5.79 12.11
CA PRO A 116 32.45 5.02 12.83
C PRO A 116 31.91 4.04 13.88
N VAL A 117 30.82 4.40 14.57
CA VAL A 117 30.20 3.51 15.56
C VAL A 117 29.72 2.16 14.96
N ASN A 118 29.46 2.14 13.66
CA ASN A 118 29.01 0.94 12.97
C ASN A 118 30.12 0.23 12.20
N ALA A 119 31.39 0.56 12.47
CA ALA A 119 32.49 -0.01 11.67
C ALA A 119 32.60 -1.53 11.75
N ASP A 120 32.10 -2.13 12.83
CA ASP A 120 32.12 -3.58 13.06
C ASP A 120 30.90 -4.35 12.58
N VAL A 121 29.94 -3.66 11.98
CA VAL A 121 28.71 -4.32 11.55
C VAL A 121 29.03 -5.05 10.25
N LEU A 122 29.19 -6.37 10.34
CA LEU A 122 29.54 -7.21 9.20
C LEU A 122 28.40 -8.16 8.91
N ASP A 123 27.84 -8.07 7.71
CA ASP A 123 26.67 -8.86 7.35
C ASP A 123 26.99 -10.28 6.92
N ALA A 124 26.20 -11.22 7.43
CA ALA A 124 26.30 -12.62 7.06
C ALA A 124 25.55 -12.96 5.79
N GLN A 125 24.55 -12.12 5.45
CA GLN A 125 23.65 -12.40 4.33
C GLN A 125 23.52 -11.21 3.41
N ASP A 126 23.32 -11.48 2.13
CA ASP A 126 22.98 -10.47 1.14
C ASP A 126 21.56 -9.94 1.39
N ASP A 127 21.33 -8.67 1.05
CA ASP A 127 19.94 -8.19 0.89
C ASP A 127 19.32 -8.92 -0.29
N VAL A 128 17.99 -8.92 -0.40
CA VAL A 128 17.37 -9.64 -1.50
C VAL A 128 17.77 -9.09 -2.87
N ALA A 129 17.79 -7.77 -3.02
CA ALA A 129 18.20 -7.16 -4.29
C ALA A 129 19.64 -7.58 -4.69
N THR A 130 20.55 -7.53 -3.73
CA THR A 130 21.92 -7.93 -3.93
C THR A 130 22.00 -9.41 -4.28
N ALA A 131 21.25 -10.23 -3.54
CA ALA A 131 21.23 -11.67 -3.77
C ALA A 131 20.81 -12.00 -5.18
N ARG A 132 19.83 -11.26 -5.70
CA ARG A 132 19.35 -11.49 -7.06
C ARG A 132 20.40 -11.14 -8.09
N LEU A 133 21.14 -10.06 -7.88
CA LEU A 133 22.21 -9.70 -8.79
C LEU A 133 23.30 -10.74 -8.78
N ARG A 134 23.65 -11.23 -7.59
CA ARG A 134 24.72 -12.24 -7.46
C ARG A 134 24.27 -13.60 -8.01
N ALA A 135 23.02 -13.98 -7.78
CA ALA A 135 22.49 -15.24 -8.31
C ALA A 135 22.47 -15.26 -9.84
N ALA A 136 22.32 -14.09 -10.46
CA ALA A 136 22.39 -13.93 -11.91
C ALA A 136 23.80 -13.93 -12.48
N GLY A 137 24.80 -14.01 -11.61
CA GLY A 137 26.20 -14.09 -11.99
C GLY A 137 27.01 -12.84 -11.76
N GLY A 138 26.38 -11.77 -11.24
CA GLY A 138 27.09 -10.51 -11.03
C GLY A 138 28.24 -10.63 -10.07
N LEU A 139 29.31 -9.89 -10.35
CA LEU A 139 30.54 -9.96 -9.58
C LEU A 139 30.72 -8.68 -8.75
N VAL A 140 30.34 -8.75 -7.48
CA VAL A 140 30.37 -7.60 -6.59
C VAL A 140 31.80 -7.28 -6.18
N LEU A 141 32.29 -6.09 -6.56
CA LEU A 141 33.68 -5.70 -6.27
C LEU A 141 33.82 -5.14 -4.87
N GLY A 142 32.77 -4.52 -4.35
CA GLY A 142 32.82 -3.90 -3.05
C GLY A 142 31.63 -3.01 -2.78
N HIS A 143 31.76 -2.25 -1.71
CA HIS A 143 30.74 -1.29 -1.30
C HIS A 143 31.14 0.11 -1.68
N ALA A 144 30.16 0.93 -2.01
CA ALA A 144 30.38 2.31 -2.45
C ALA A 144 30.02 3.35 -1.40
N GLY A 145 30.69 4.49 -1.48
CA GLY A 145 30.60 5.55 -0.48
C GLY A 145 29.26 6.26 -0.48
N ILE A 146 28.98 6.84 0.69
CA ILE A 146 27.69 7.43 1.05
C ILE A 146 27.93 8.58 2.04
N PRO A 147 26.94 9.46 2.23
CA PRO A 147 26.98 10.36 3.38
C PRO A 147 26.55 9.67 4.65
N ASP A 148 27.01 10.18 5.80
CA ASP A 148 26.40 9.82 7.08
C ASP A 148 24.87 9.87 7.01
N LEU A 149 24.24 8.77 7.44
CA LEU A 149 22.76 8.60 7.46
C LEU A 149 22.08 8.48 6.11
N CYS A 150 22.84 8.58 5.01
CA CYS A 150 22.26 8.74 3.67
C CYS A 150 21.25 9.87 3.56
N ILE A 151 21.50 10.97 4.27
CA ILE A 151 20.69 12.18 4.18
C ILE A 151 21.54 13.37 3.74
N ARG A 152 21.79 13.46 2.44
CA ARG A 152 22.62 14.52 1.89
C ARG A 152 22.80 14.32 0.41
N TRP A 153 22.84 15.40 -0.35
CA TRP A 153 23.20 15.34 -1.78
C TRP A 153 24.73 15.50 -2.00
N ASN A 154 25.52 14.93 -1.09
CA ASN A 154 26.97 15.04 -1.10
C ASN A 154 27.47 13.88 -0.24
N SER A 155 28.25 12.98 -0.82
CA SER A 155 28.55 11.71 -0.17
C SER A 155 29.82 11.84 0.67
N VAL A 156 29.62 12.38 1.88
CA VAL A 156 30.69 12.65 2.85
C VAL A 156 30.35 11.88 4.13
N SER A 157 31.25 11.01 4.56
CA SER A 157 31.05 10.21 5.78
C SER A 157 32.18 10.40 6.77
N GLY A 158 31.86 10.12 8.02
CA GLY A 158 32.88 10.12 9.08
C GLY A 158 33.86 8.98 8.94
N LEU A 159 33.39 7.83 8.46
CA LEU A 159 34.26 6.69 8.36
C LEU A 159 35.17 6.72 7.15
N TYR A 160 34.65 7.21 6.02
CA TYR A 160 35.38 7.13 4.75
C TYR A 160 35.78 8.45 4.11
N GLY A 161 35.23 9.57 4.55
CA GLY A 161 35.54 10.86 3.95
C GLY A 161 34.63 11.17 2.78
N ALA A 162 35.10 12.01 1.85
CA ALA A 162 34.27 12.57 0.76
C ALA A 162 34.50 11.82 -0.54
N VAL A 163 33.40 11.46 -1.20
CA VAL A 163 33.47 10.99 -2.58
C VAL A 163 33.64 12.24 -3.46
N ARG A 164 34.57 12.16 -4.41
CA ARG A 164 34.81 13.25 -5.35
C ARG A 164 34.37 12.80 -6.74
N ASN A 165 33.84 13.75 -7.50
CA ASN A 165 33.29 13.48 -8.82
C ASN A 165 34.38 13.12 -9.81
N PRO A 166 34.31 11.96 -10.46
CA PRO A 166 35.39 11.62 -11.40
C PRO A 166 35.46 12.52 -12.63
N ARG A 167 34.38 13.22 -12.93
CA ARG A 167 34.35 14.16 -14.07
C ARG A 167 35.06 15.48 -13.74
N ASP A 168 35.18 15.80 -12.46
CA ASP A 168 35.85 17.02 -11.98
C ASP A 168 36.01 16.88 -10.48
N LEU A 169 37.23 16.59 -10.02
CA LEU A 169 37.48 16.20 -8.63
C LEU A 169 37.23 17.30 -7.60
N SER A 170 37.06 18.54 -8.07
CA SER A 170 36.66 19.64 -7.20
C SER A 170 35.19 19.64 -6.82
N ARG A 171 34.42 18.78 -7.49
CA ARG A 171 32.96 18.80 -7.41
C ARG A 171 32.43 17.62 -6.64
N THR A 172 31.28 17.83 -6.03
CA THR A 172 30.51 16.75 -5.42
C THR A 172 30.16 15.66 -6.44
N ALA A 173 30.09 14.41 -5.98
CA ALA A 173 29.52 13.32 -6.76
C ALA A 173 28.00 13.25 -6.54
N GLY A 174 27.45 14.12 -5.70
CA GLY A 174 26.06 14.01 -5.28
C GLY A 174 25.91 12.96 -4.19
N GLY A 175 24.66 12.67 -3.87
CA GLY A 175 24.36 11.69 -2.86
C GLY A 175 22.86 11.53 -2.77
N SER A 176 22.39 10.57 -1.97
CA SER A 176 23.24 9.74 -1.16
C SER A 176 23.96 8.57 -1.86
N SER A 177 23.58 8.23 -3.09
CA SER A 177 24.29 7.17 -3.83
C SER A 177 25.46 7.72 -4.65
N GLY A 178 26.26 8.60 -4.07
CA GLY A 178 27.36 9.23 -4.79
C GLY A 178 28.49 8.30 -5.14
N GLY A 179 28.87 7.41 -4.22
CA GLY A 179 29.91 6.46 -4.52
C GLY A 179 29.59 5.56 -5.69
N ASP A 180 28.36 5.04 -5.76
CA ASP A 180 27.98 4.16 -6.85
C ASP A 180 27.98 4.90 -8.18
N ALA A 181 27.46 6.12 -8.19
CA ALA A 181 27.51 6.93 -9.41
C ALA A 181 28.94 7.21 -9.87
N ALA A 182 29.80 7.55 -8.90
CA ALA A 182 31.21 7.81 -9.20
C ALA A 182 31.90 6.56 -9.72
N ASN A 183 31.62 5.41 -9.12
CA ASN A 183 32.24 4.16 -9.56
C ASN A 183 31.88 3.81 -11.00
N VAL A 184 30.62 3.99 -11.34
CA VAL A 184 30.15 3.72 -12.68
C VAL A 184 30.73 4.75 -13.67
N ALA A 185 30.72 6.03 -13.28
CA ALA A 185 31.25 7.07 -14.16
C ALA A 185 32.74 6.90 -14.41
N ALA A 186 33.47 6.39 -13.42
CA ALA A 186 34.94 6.22 -13.53
C ALA A 186 35.38 4.91 -14.21
N GLY A 187 34.42 4.05 -14.55
CA GLY A 187 34.74 2.74 -15.09
C GLY A 187 35.31 1.78 -14.07
N PHE A 188 34.97 1.98 -12.80
CA PHE A 188 35.38 1.03 -11.75
C PHE A 188 34.43 -0.17 -11.66
N ALA A 189 33.21 0.00 -12.16
CA ALA A 189 32.23 -1.09 -12.22
C ALA A 189 31.30 -0.79 -13.39
N THR A 190 30.58 -1.81 -13.85
CA THR A 190 29.69 -1.66 -14.99
C THR A 190 28.32 -1.14 -14.56
N ILE A 191 27.84 -1.65 -13.43
CA ILE A 191 26.52 -1.29 -12.91
C ILE A 191 26.63 -1.06 -11.40
N GLY A 192 25.90 -0.07 -10.89
CA GLY A 192 25.82 0.22 -9.47
C GLY A 192 24.42 0.02 -8.94
N LEU A 193 24.30 -0.20 -7.63
CA LEU A 193 23.01 -0.34 -6.96
C LEU A 193 22.86 0.73 -5.91
N GLY A 194 21.82 1.55 -6.07
CA GLY A 194 21.50 2.57 -5.10
C GLY A 194 20.05 2.55 -4.66
N GLY A 195 19.69 3.61 -3.94
CA GLY A 195 18.30 3.84 -3.55
C GLY A 195 18.05 5.31 -3.58
N ASP A 196 16.77 5.68 -3.58
CA ASP A 196 16.35 7.07 -3.83
C ASP A 196 15.15 7.44 -2.94
N LEU A 197 15.43 8.28 -1.94
CA LEU A 197 14.46 8.84 -0.99
C LEU A 197 14.12 10.31 -1.23
N GLY A 198 15.13 11.06 -1.66
CA GLY A 198 14.99 12.48 -2.02
C GLY A 198 15.90 12.87 -3.15
N GLY A 199 15.98 12.00 -4.14
CA GLY A 199 16.85 12.19 -5.29
C GLY A 199 18.13 11.39 -5.22
N SER A 200 18.22 10.44 -4.29
CA SER A 200 19.49 9.82 -3.96
C SER A 200 20.12 8.94 -5.03
N ILE A 201 19.34 8.56 -6.06
CA ILE A 201 19.91 7.94 -7.29
C ILE A 201 20.06 8.98 -8.40
N ARG A 202 19.01 9.74 -8.61
CA ARG A 202 18.93 10.62 -9.77
C ARG A 202 19.94 11.77 -9.71
N VAL A 203 20.12 12.36 -8.53
CA VAL A 203 21.04 13.48 -8.36
C VAL A 203 22.49 13.08 -8.61
N PRO A 204 22.97 12.01 -7.95
CA PRO A 204 24.36 11.64 -8.22
C PRO A 204 24.56 11.08 -9.62
N ALA A 205 23.58 10.37 -10.15
CA ALA A 205 23.72 9.83 -11.52
C ALA A 205 23.88 10.98 -12.50
N SER A 206 23.02 11.99 -12.42
CA SER A 206 23.11 13.13 -13.33
C SER A 206 24.40 13.92 -13.13
N TRP A 207 24.78 14.19 -11.88
CA TRP A 207 25.99 14.95 -11.63
C TRP A 207 27.27 14.20 -12.02
N CYS A 208 27.22 12.87 -12.05
CA CYS A 208 28.36 12.08 -12.54
C CYS A 208 28.23 11.70 -14.02
N GLY A 209 27.17 12.16 -14.70
CA GLY A 209 27.00 11.92 -16.13
C GLY A 209 26.77 10.48 -16.53
N VAL A 210 25.91 9.81 -15.74
CA VAL A 210 25.49 8.46 -16.04
C VAL A 210 23.97 8.34 -15.89
N TYR A 211 23.43 7.17 -16.19
CA TYR A 211 21.98 6.91 -16.00
C TYR A 211 21.72 6.41 -14.59
N GLY A 212 20.60 6.86 -14.01
CA GLY A 212 20.18 6.39 -12.69
C GLY A 212 18.70 6.18 -12.69
N PHE A 213 18.24 4.95 -12.39
CA PHE A 213 16.82 4.62 -12.45
C PHE A 213 16.24 4.37 -11.06
N ARG A 214 15.37 5.26 -10.64
CA ARG A 214 14.58 5.06 -9.43
C ARG A 214 13.36 4.26 -9.85
N THR A 215 13.27 3.01 -9.41
CA THR A 215 12.11 2.18 -9.71
C THR A 215 10.92 2.66 -8.91
N GLY A 216 9.76 2.09 -9.22
CA GLY A 216 8.53 2.49 -8.58
C GLY A 216 8.01 1.48 -7.57
N PRO A 217 6.96 1.85 -6.85
CA PRO A 217 6.35 0.97 -5.86
C PRO A 217 6.10 -0.44 -6.38
N GLY A 218 6.51 -1.40 -5.56
CA GLY A 218 6.13 -2.79 -5.76
C GLY A 218 7.18 -3.67 -6.43
N ARG A 219 8.06 -3.08 -7.24
CA ARG A 219 8.88 -3.88 -8.14
C ARG A 219 10.04 -4.58 -7.45
N ILE A 220 10.94 -3.81 -6.83
CA ILE A 220 12.13 -4.37 -6.18
C ILE A 220 11.91 -4.37 -4.68
N PRO A 221 12.00 -5.55 -4.05
CA PRO A 221 11.80 -5.62 -2.58
C PRO A 221 13.04 -5.11 -1.85
N ASP A 222 12.79 -4.45 -0.72
CA ASP A 222 13.83 -4.01 0.22
C ASP A 222 13.75 -4.93 1.42
N VAL A 223 14.64 -5.92 1.43
CA VAL A 223 14.67 -6.95 2.45
C VAL A 223 16.10 -7.11 2.89
N ASN A 224 16.31 -6.92 4.19
CA ASN A 224 17.60 -7.12 4.83
C ASN A 224 17.50 -8.24 5.85
N PRO A 225 17.95 -9.44 5.49
CA PRO A 225 17.84 -10.59 6.38
C PRO A 225 18.71 -10.49 7.64
N ASN A 226 19.64 -9.54 7.66
CA ASN A 226 20.53 -9.34 8.82
C ASN A 226 19.84 -8.55 9.91
N GLY A 227 18.70 -7.95 9.60
CA GLY A 227 17.94 -7.15 10.56
C GLY A 227 18.31 -5.69 10.40
N GLY A 228 17.46 -4.94 9.71
CA GLY A 228 17.55 -3.48 9.76
C GLY A 228 16.81 -2.90 10.97
N ARG A 229 16.98 -1.60 11.20
CA ARG A 229 16.09 -0.85 12.11
C ARG A 229 14.71 -0.79 11.46
N SER A 230 13.67 -0.78 12.27
CA SER A 230 12.29 -0.64 11.76
C SER A 230 12.05 0.80 11.30
N ARG A 231 11.34 0.96 10.18
CA ARG A 231 11.07 2.29 9.60
C ARG A 231 9.61 2.67 9.59
N ASN A 232 9.38 3.98 9.66
CA ASN A 232 8.05 4.57 9.52
C ASN A 232 7.56 4.27 8.10
N VAL A 233 6.35 3.74 7.96
CA VAL A 233 5.75 3.51 6.65
C VAL A 233 5.79 4.75 5.74
N VAL A 234 5.62 5.94 6.30
CA VAL A 234 5.58 7.17 5.49
C VAL A 234 6.90 7.31 4.74
N MET A 235 8.01 7.05 5.44
CA MET A 235 9.33 7.12 4.84
C MET A 235 9.55 6.00 3.83
N GLU A 236 9.11 4.80 4.19
CA GLU A 236 9.23 3.64 3.30
C GLU A 236 8.47 3.84 1.98
N LEU A 237 7.32 4.51 2.02
CA LEU A 237 6.55 4.80 0.80
C LEU A 237 7.26 5.70 -0.20
N MET A 238 8.26 6.42 0.26
CA MET A 238 8.95 7.42 -0.58
C MET A 238 10.28 6.93 -1.13
N ALA A 239 10.73 5.77 -0.69
CA ALA A 239 12.05 5.25 -1.06
C ALA A 239 11.96 4.03 -1.97
N GLN A 240 12.83 3.98 -2.97
CA GLN A 240 12.91 2.83 -3.88
C GLN A 240 14.35 2.55 -4.28
N ILE A 241 14.62 1.29 -4.57
CA ILE A 241 15.91 0.80 -4.98
C ILE A 241 16.03 0.97 -6.50
N GLY A 242 17.25 1.13 -7.01
CA GLY A 242 17.41 1.09 -8.46
C GLY A 242 18.84 1.08 -8.91
N PRO A 243 19.05 0.75 -10.19
CA PRO A 243 20.39 0.66 -10.75
C PRO A 243 20.93 1.98 -11.31
N ILE A 244 22.25 2.02 -11.41
CA ILE A 244 23.01 3.10 -12.03
C ILE A 244 23.90 2.42 -13.09
N ALA A 245 23.96 2.98 -14.30
CA ALA A 245 24.70 2.33 -15.40
C ALA A 245 25.03 3.35 -16.50
N ARG A 246 25.79 2.89 -17.49
CA ARG A 246 26.20 3.76 -18.60
C ARG A 246 25.36 3.57 -19.87
N SER A 247 24.35 2.69 -19.83
CA SER A 247 23.45 2.48 -20.96
C SER A 247 22.09 2.03 -20.44
N ILE A 248 21.05 2.24 -21.24
CA ILE A 248 19.71 1.82 -20.85
C ILE A 248 19.61 0.30 -20.84
N ASP A 249 20.23 -0.40 -21.79
CA ASP A 249 20.17 -1.86 -21.71
C ASP A 249 20.67 -2.39 -20.35
N ASP A 250 21.72 -1.78 -19.79
CA ASP A 250 22.23 -2.20 -18.47
C ASP A 250 21.29 -1.84 -17.31
N ILE A 251 20.67 -0.66 -17.37
CA ILE A 251 19.61 -0.29 -16.45
C ILE A 251 18.51 -1.35 -16.48
N GLU A 252 18.01 -1.67 -17.67
CA GLU A 252 16.88 -2.59 -17.78
C GLU A 252 17.23 -3.99 -17.32
N LEU A 253 18.44 -4.43 -17.63
CA LEU A 253 18.92 -5.76 -17.26
C LEU A 253 18.91 -5.90 -15.73
N ALA A 254 19.51 -4.95 -15.05
CA ALA A 254 19.57 -5.01 -13.60
C ALA A 254 18.19 -4.87 -12.96
N PHE A 255 17.36 -3.98 -13.53
CA PHE A 255 15.99 -3.78 -13.07
C PHE A 255 15.19 -5.08 -13.12
N ARG A 256 15.22 -5.74 -14.27
CA ARG A 256 14.47 -6.98 -14.45
C ARG A 256 14.94 -8.08 -13.50
N ILE A 257 16.25 -8.19 -13.32
CA ILE A 257 16.82 -9.20 -12.43
C ILE A 257 16.36 -9.00 -10.98
N MET A 258 16.31 -7.74 -10.53
CA MET A 258 15.95 -7.45 -9.15
C MET A 258 14.46 -7.48 -8.85
N THR A 259 13.64 -7.39 -9.91
CA THR A 259 12.20 -7.29 -9.75
C THR A 259 11.62 -8.65 -9.41
N GLY A 260 10.70 -8.67 -8.44
CA GLY A 260 10.02 -9.89 -8.05
C GLY A 260 9.56 -9.79 -6.62
N VAL A 261 8.42 -10.41 -6.32
CA VAL A 261 7.88 -10.31 -4.96
C VAL A 261 8.81 -10.94 -3.92
N ASP A 262 8.82 -10.33 -2.74
CA ASP A 262 9.32 -11.00 -1.53
C ASP A 262 8.48 -10.48 -0.39
N ARG A 263 7.70 -11.38 0.21
CA ARG A 263 6.74 -10.97 1.21
C ARG A 263 7.35 -10.48 2.51
N ARG A 264 8.68 -10.58 2.67
CA ARG A 264 9.34 -9.91 3.77
C ARG A 264 9.40 -8.37 3.64
N ASP A 265 9.02 -7.85 2.47
CA ASP A 265 8.82 -6.42 2.31
C ASP A 265 7.33 -6.22 2.01
N THR A 266 6.64 -5.59 2.96
CA THR A 266 5.24 -5.15 2.82
C THR A 266 4.91 -4.39 1.53
N MET A 267 5.87 -3.64 1.01
CA MET A 267 5.68 -2.80 -0.17
C MET A 267 5.86 -3.59 -1.46
N SER A 268 6.41 -4.78 -1.38
CA SER A 268 6.66 -5.61 -2.56
C SER A 268 5.35 -6.17 -3.09
N SER A 269 5.23 -6.27 -4.41
CA SER A 269 4.09 -6.85 -5.06
C SER A 269 4.46 -7.90 -6.08
N PRO A 270 3.60 -8.93 -6.23
CA PRO A 270 3.80 -9.89 -7.31
C PRO A 270 3.35 -9.41 -8.68
N LEU A 271 2.83 -8.20 -8.78
CA LEU A 271 2.45 -7.66 -10.08
C LEU A 271 3.61 -7.69 -11.07
N GLY A 272 3.32 -8.15 -12.28
CA GLY A 272 4.31 -8.16 -13.34
C GLY A 272 4.58 -6.79 -13.91
N LEU A 273 5.61 -6.73 -14.73
CA LEU A 273 5.90 -5.52 -15.48
C LEU A 273 4.85 -5.27 -16.55
N ILE A 274 4.62 -4.00 -16.84
CA ILE A 274 3.60 -3.58 -17.81
C ILE A 274 4.32 -3.14 -19.08
N GLU A 275 3.91 -3.65 -20.24
CA GLU A 275 4.58 -3.29 -21.47
C GLU A 275 4.47 -1.78 -21.75
N PRO A 276 5.46 -1.21 -22.46
CA PRO A 276 5.41 0.24 -22.72
C PRO A 276 4.11 0.70 -23.39
N ILE A 277 3.59 1.84 -22.93
CA ILE A 277 2.39 2.49 -23.51
C ILE A 277 2.68 2.92 -24.95
N GLU A 278 1.66 2.76 -25.79
CA GLU A 278 1.69 3.27 -27.14
C GLU A 278 1.45 4.78 -27.06
N ALA A 279 2.39 5.52 -27.61
CA ALA A 279 2.28 6.98 -27.78
C ALA A 279 1.90 7.74 -26.51
N PRO A 280 2.72 7.62 -25.45
CA PRO A 280 2.45 8.43 -24.28
C PRO A 280 2.67 9.91 -24.56
N ARG A 281 1.84 10.75 -23.95
CA ARG A 281 2.02 12.20 -24.04
C ARG A 281 2.95 12.63 -22.92
N VAL A 282 3.86 13.57 -23.22
CA VAL A 282 4.85 14.00 -22.26
C VAL A 282 4.53 15.44 -21.84
N ALA A 283 4.45 15.69 -20.54
CA ALA A 283 4.34 17.06 -20.00
C ALA A 283 5.69 17.52 -19.52
N VAL A 284 6.02 18.77 -19.80
CA VAL A 284 7.27 19.34 -19.33
C VAL A 284 7.07 20.08 -18.02
N LEU A 285 7.86 19.69 -17.01
CA LEU A 285 7.98 20.42 -15.75
C LEU A 285 9.21 21.30 -15.87
N ARG A 286 9.02 22.61 -15.72
CA ARG A 286 10.11 23.56 -15.70
C ARG A 286 10.07 24.30 -14.38
N HIS A 287 9.17 25.27 -14.25
CA HIS A 287 9.08 26.08 -13.03
C HIS A 287 7.89 25.79 -12.15
N GLU A 288 7.09 24.78 -12.49
CA GLU A 288 5.82 24.56 -11.79
C GLU A 288 5.97 24.02 -10.36
N THR A 289 7.15 23.53 -9.96
CA THR A 289 7.40 23.21 -8.55
C THR A 289 8.18 24.29 -7.82
N GLY A 290 8.40 25.42 -8.50
CA GLY A 290 9.13 26.55 -7.94
C GLY A 290 10.65 26.51 -8.04
N ALA A 291 11.18 25.61 -8.88
CA ALA A 291 12.62 25.44 -8.96
C ALA A 291 13.32 26.64 -9.55
N VAL A 292 14.53 26.86 -9.05
CA VAL A 292 15.43 27.91 -9.53
C VAL A 292 16.48 27.22 -10.40
N LEU A 293 16.41 27.47 -11.70
CA LEU A 293 17.20 26.72 -12.70
C LEU A 293 18.25 27.59 -13.35
N ASP A 294 19.46 27.06 -13.46
CA ASP A 294 20.50 27.68 -14.26
C ASP A 294 20.13 27.66 -15.74
N SER A 295 20.65 28.64 -16.47
CA SER A 295 20.45 28.67 -17.92
C SER A 295 20.91 27.39 -18.60
N SER A 296 22.02 26.82 -18.15
CA SER A 296 22.58 25.62 -18.74
C SER A 296 21.66 24.42 -18.57
N VAL A 297 20.94 24.39 -17.47
CA VAL A 297 19.99 23.31 -17.18
C VAL A 297 18.76 23.48 -18.07
N GLU A 298 18.28 24.71 -18.20
CA GLU A 298 17.15 24.97 -19.12
C GLU A 298 17.49 24.58 -20.54
N GLU A 299 18.74 24.79 -20.93
CA GLU A 299 19.19 24.41 -22.26
C GLU A 299 19.19 22.89 -22.46
N GLN A 300 19.56 22.13 -21.43
CA GLN A 300 19.47 20.67 -21.52
C GLN A 300 18.03 20.20 -21.55
N LEU A 301 17.15 20.87 -20.83
CA LEU A 301 15.74 20.51 -20.87
C LEU A 301 15.19 20.72 -22.28
N ASP A 302 15.51 21.88 -22.86
CA ASP A 302 15.07 22.16 -24.22
C ASP A 302 15.67 21.15 -25.22
N ALA A 303 16.93 20.79 -25.07
CA ALA A 303 17.57 19.83 -25.96
C ALA A 303 16.86 18.48 -25.90
N THR A 304 16.43 18.09 -24.69
CA THR A 304 15.79 16.79 -24.50
C THR A 304 14.38 16.80 -25.09
N ILE A 305 13.67 17.91 -24.95
CA ILE A 305 12.37 18.08 -25.62
C ILE A 305 12.55 17.86 -27.11
N GLU A 306 13.54 18.51 -27.69
CA GLU A 306 13.86 18.36 -29.13
C GLU A 306 14.10 16.91 -29.55
N MET A 307 14.89 16.19 -28.74
CA MET A 307 15.19 14.79 -29.03
C MET A 307 13.93 13.93 -29.01
N LEU A 308 13.10 14.14 -27.99
CA LEU A 308 11.86 13.35 -27.90
C LEU A 308 10.92 13.63 -29.05
N ARG A 309 10.82 14.90 -29.45
CA ARG A 309 9.91 15.24 -30.54
C ARG A 309 10.42 14.63 -31.84
N ALA A 310 11.74 14.61 -32.05
CA ALA A 310 12.31 14.00 -33.27
C ALA A 310 12.10 12.50 -33.33
N GLU A 311 11.91 11.89 -32.16
CA GLU A 311 11.60 10.46 -32.04
C GLU A 311 10.09 10.19 -32.02
N GLY A 312 9.30 11.22 -32.29
CA GLY A 312 7.87 11.07 -32.49
C GLY A 312 6.98 11.23 -31.27
N TYR A 313 7.55 11.64 -30.13
CA TYR A 313 6.73 11.91 -28.95
C TYR A 313 6.04 13.25 -29.05
N VAL A 314 4.82 13.33 -28.55
CA VAL A 314 4.14 14.59 -28.36
C VAL A 314 4.54 15.15 -27.00
N VAL A 315 5.17 16.32 -27.01
CA VAL A 315 5.71 16.92 -25.78
C VAL A 315 5.10 18.30 -25.62
N GLU A 316 4.51 18.55 -24.45
CA GLU A 316 3.75 19.79 -24.23
C GLU A 316 4.26 20.54 -23.03
N GLU A 317 4.47 21.84 -23.23
CA GLU A 317 4.90 22.75 -22.16
C GLU A 317 3.69 23.50 -21.62
N ASN A 318 3.80 23.97 -20.38
CA ASN A 318 2.81 24.83 -19.74
C ASN A 318 1.44 24.19 -19.65
N VAL A 319 1.43 22.92 -19.26
CA VAL A 319 0.20 22.16 -19.02
C VAL A 319 0.00 21.71 -17.58
N LEU A 320 1.04 21.77 -16.76
CA LEU A 320 0.97 21.35 -15.38
C LEU A 320 0.47 22.47 -14.48
N PRO A 321 -0.25 22.11 -13.41
CA PRO A 321 -0.72 23.10 -12.44
C PRO A 321 0.40 23.52 -11.49
N ASP A 322 0.10 24.47 -10.62
CA ASP A 322 1.06 24.96 -9.63
C ASP A 322 1.31 23.86 -8.59
N LEU A 323 2.52 23.28 -8.62
CA LEU A 323 2.91 22.18 -7.73
C LEU A 323 4.01 22.52 -6.77
N HIS A 324 4.15 23.81 -6.44
CA HIS A 324 5.23 24.23 -5.54
C HIS A 324 5.11 23.63 -4.17
N ARG A 325 3.91 23.21 -3.76
CA ARG A 325 3.74 22.57 -2.47
C ARG A 325 4.36 21.18 -2.40
N ALA A 326 4.51 20.52 -3.52
CA ALA A 326 4.97 19.12 -3.52
C ALA A 326 6.36 18.92 -2.93
N PRO A 327 7.40 19.65 -3.41
CA PRO A 327 8.68 19.47 -2.73
C PRO A 327 8.66 19.96 -1.28
N GLU A 328 7.87 20.99 -1.00
CA GLU A 328 7.72 21.50 0.37
C GLU A 328 7.16 20.47 1.32
N VAL A 329 6.11 19.76 0.90
CA VAL A 329 5.50 18.72 1.76
C VAL A 329 6.48 17.56 2.01
N TRP A 330 7.27 17.20 1.01
CA TRP A 330 8.36 16.24 1.22
C TRP A 330 9.29 16.70 2.34
N ALA A 331 9.76 17.94 2.24
CA ALA A 331 10.68 18.48 3.24
C ALA A 331 10.06 18.60 4.63
N GLU A 332 8.77 18.92 4.70
CA GLU A 332 8.03 18.97 5.97
C GLU A 332 7.98 17.60 6.62
N ILE A 333 7.62 16.59 5.83
CA ILE A 333 7.44 15.25 6.38
C ILE A 333 8.79 14.64 6.79
N VAL A 334 9.76 14.69 5.89
CA VAL A 334 11.08 14.16 6.15
C VAL A 334 11.78 14.96 7.24
N GLY A 335 11.73 16.28 7.12
CA GLY A 335 12.41 17.17 8.07
C GLY A 335 11.89 17.05 9.49
N THR A 336 10.58 16.89 9.63
CA THR A 336 9.99 16.73 10.97
C THR A 336 10.53 15.47 11.64
N GLU A 337 10.62 14.37 10.89
CA GLU A 337 11.17 13.14 11.42
C GLU A 337 12.67 13.26 11.74
N LEU A 338 13.43 13.91 10.87
CA LEU A 338 14.86 14.07 11.12
C LEU A 338 15.14 14.89 12.38
N ILE A 339 14.40 15.98 12.54
CA ILE A 339 14.61 16.92 13.65
C ILE A 339 14.09 16.36 14.97
N HIS A 340 12.93 15.70 14.94
CA HIS A 340 12.27 15.22 16.17
C HIS A 340 12.51 13.79 16.57
N ARG A 341 13.04 12.97 15.67
CA ARG A 341 13.36 11.56 15.97
C ARG A 341 14.82 11.20 15.73
N VAL A 342 15.34 11.52 14.55
CA VAL A 342 16.65 11.00 14.14
C VAL A 342 17.78 11.76 14.83
N LEU A 343 17.81 13.09 14.70
CA LEU A 343 18.90 13.86 15.32
C LEU A 343 19.04 13.66 16.82
N PRO A 344 17.92 13.67 17.57
CA PRO A 344 18.02 13.41 19.01
C PRO A 344 18.79 12.12 19.37
N GLU A 345 18.69 11.11 18.50
CA GLU A 345 19.39 9.84 18.68
C GLU A 345 20.86 9.80 18.20
N VAL A 346 21.14 10.42 17.06
CA VAL A 346 22.44 10.22 16.37
C VAL A 346 23.31 11.46 16.28
N ALA A 347 22.88 12.56 16.87
CA ALA A 347 23.58 13.85 16.74
C ALA A 347 25.07 13.79 17.07
N GLU A 348 25.45 12.98 18.06
CA GLU A 348 26.87 12.80 18.43
C GLU A 348 27.64 11.76 17.61
N LEU A 349 26.94 11.03 16.75
CA LEU A 349 27.52 9.93 15.96
C LEU A 349 27.84 10.34 14.52
N VAL A 350 27.36 11.51 14.11
CA VAL A 350 27.51 11.99 12.73
C VAL A 350 28.49 13.14 12.69
N ILE A 351 29.10 13.32 11.52
CA ILE A 351 29.96 14.49 11.30
C ILE A 351 29.19 15.80 11.41
N ALA A 352 29.86 16.86 11.83
CA ALA A 352 29.23 18.15 12.03
C ALA A 352 28.52 18.71 10.79
N SER A 353 29.12 18.52 9.62
CA SER A 353 28.52 19.00 8.38
C SER A 353 27.20 18.27 8.06
N GLU A 354 27.08 17.01 8.48
CA GLU A 354 25.82 16.28 8.30
C GLU A 354 24.74 16.85 9.23
N ARG A 355 25.08 16.99 10.51
CA ARG A 355 24.17 17.59 11.47
C ARG A 355 23.70 18.97 11.01
N MET A 356 24.64 19.79 10.52
CA MET A 356 24.31 21.14 10.15
C MET A 356 23.55 21.24 8.83
N HIS A 357 23.73 20.27 7.93
CA HIS A 357 22.89 20.23 6.74
C HIS A 357 21.44 19.96 7.14
N ILE A 358 21.24 19.03 8.06
CA ILE A 358 19.90 18.73 8.54
C ILE A 358 19.27 19.95 9.23
N VAL A 359 19.99 20.55 10.18
CA VAL A 359 19.49 21.72 10.89
C VAL A 359 19.25 22.91 9.96
N ASP A 360 20.23 23.21 9.11
CA ASP A 360 20.14 24.37 8.23
C ASP A 360 19.06 24.26 7.14
N MET A 361 18.98 23.10 6.48
CA MET A 361 18.01 22.91 5.39
C MET A 361 16.69 22.36 5.89
N PHE A 362 16.72 21.18 6.52
CA PHE A 362 15.47 20.55 6.95
C PHE A 362 14.82 21.35 8.07
N GLY A 363 15.62 22.05 8.87
CA GLY A 363 15.08 22.96 9.88
C GLY A 363 14.21 24.07 9.36
N ALA A 364 14.41 24.46 8.09
CA ALA A 364 13.60 25.48 7.44
C ALA A 364 12.17 25.02 7.15
N TYR A 365 11.95 23.71 7.02
CA TYR A 365 10.65 23.13 6.61
C TYR A 365 9.97 22.28 7.68
N GLU A 366 10.71 21.84 8.68
CA GLU A 366 10.13 20.98 9.72
C GLU A 366 8.96 21.69 10.41
N LEU A 367 8.01 20.88 10.87
CA LEU A 367 6.68 21.36 11.23
C LEU A 367 6.51 21.71 12.70
N GLY A 368 7.57 21.49 13.46
CA GLY A 368 7.56 21.68 14.91
C GLY A 368 7.09 20.41 15.58
N ALA A 369 6.92 20.49 16.90
CA ALA A 369 6.64 19.32 17.72
C ALA A 369 5.19 18.83 17.71
N ASP A 370 4.25 19.64 17.23
CA ASP A 370 2.82 19.30 17.30
C ASP A 370 2.44 18.22 16.28
N VAL A 371 1.99 17.07 16.78
CA VAL A 371 1.54 15.98 15.90
C VAL A 371 0.45 16.42 14.92
N GLY A 372 -0.42 17.36 15.32
CA GLY A 372 -1.46 17.83 14.41
C GLY A 372 -0.93 18.38 13.09
N ALA A 373 0.22 19.07 13.15
CA ALA A 373 0.85 19.66 11.97
C ALA A 373 1.33 18.56 11.02
N TYR A 374 1.88 17.50 11.59
CA TYR A 374 2.39 16.36 10.83
C TYR A 374 1.20 15.66 10.16
N LEU A 375 0.12 15.45 10.90
CA LEU A 375 -1.06 14.81 10.32
C LEU A 375 -1.64 15.59 9.14
N THR A 376 -1.64 16.92 9.27
CA THR A 376 -2.09 17.79 8.19
C THR A 376 -1.23 17.64 6.94
N ALA A 377 0.09 17.55 7.13
CA ALA A 377 1.02 17.35 6.02
C ALA A 377 0.77 16.03 5.32
N LEU A 378 0.50 14.98 6.11
CA LEU A 378 0.18 13.68 5.52
C LEU A 378 -1.08 13.72 4.68
N GLU A 379 -2.11 14.44 5.14
CA GLU A 379 -3.30 14.65 4.32
C GLU A 379 -2.98 15.36 3.02
N GLU A 380 -2.17 16.41 3.09
CA GLU A 380 -1.79 17.16 1.88
C GLU A 380 -1.02 16.28 0.88
N ARG A 381 -0.13 15.43 1.37
CA ARG A 381 0.56 14.47 0.53
C ARG A 381 -0.44 13.65 -0.28
N SER A 382 -1.46 13.11 0.39
CA SER A 382 -2.48 12.29 -0.30
C SER A 382 -3.21 13.11 -1.37
N SER A 383 -3.53 14.36 -1.05
CA SER A 383 -4.24 15.25 -1.99
C SER A 383 -3.41 15.49 -3.26
N ILE A 384 -2.14 15.82 -3.07
CA ILE A 384 -1.26 16.09 -4.20
C ILE A 384 -1.09 14.83 -5.05
N GLN A 385 -0.91 13.69 -4.39
CA GLN A 385 -0.75 12.42 -5.09
C GLN A 385 -1.94 12.13 -6.00
N MET A 386 -3.16 12.36 -5.50
CA MET A 386 -4.37 12.13 -6.29
C MET A 386 -4.46 13.09 -7.46
N THR A 387 -4.15 14.35 -7.23
CA THR A 387 -4.15 15.37 -8.30
C THR A 387 -3.19 15.00 -9.43
N VAL A 388 -1.98 14.63 -9.05
CA VAL A 388 -0.98 14.28 -10.06
C VAL A 388 -1.32 12.97 -10.77
N ALA A 389 -1.83 11.99 -10.03
CA ALA A 389 -2.25 10.74 -10.66
C ALA A 389 -3.32 10.99 -11.74
N ALA A 390 -4.24 11.90 -11.45
CA ALA A 390 -5.32 12.22 -12.39
C ALA A 390 -4.76 12.89 -13.64
N LEU A 391 -3.83 13.81 -13.48
CA LEU A 391 -3.29 14.48 -14.68
C LEU A 391 -2.37 13.57 -15.47
N MET A 392 -1.73 12.59 -14.81
CA MET A 392 -0.86 11.64 -15.51
C MET A 392 -1.63 10.54 -16.29
N GLU A 393 -2.96 10.51 -16.16
CA GLU A 393 -3.75 9.73 -17.11
C GLU A 393 -3.69 10.32 -18.52
N ARG A 394 -3.52 11.65 -18.61
CA ARG A 394 -3.32 12.34 -19.90
C ARG A 394 -1.84 12.42 -20.25
N TYR A 395 -1.04 12.84 -19.29
CA TYR A 395 0.42 12.97 -19.49
C TYR A 395 1.13 11.87 -18.74
N GLN A 396 1.31 10.75 -19.41
CA GLN A 396 1.82 9.56 -18.74
C GLN A 396 3.31 9.67 -18.44
N LEU A 397 4.01 10.62 -19.08
CA LEU A 397 5.39 10.92 -18.72
C LEU A 397 5.52 12.39 -18.39
N ILE A 398 6.36 12.71 -17.42
CA ILE A 398 6.74 14.08 -17.12
C ILE A 398 8.24 14.20 -17.35
N LEU A 399 8.64 15.17 -18.18
CA LEU A 399 10.06 15.45 -18.42
C LEU A 399 10.43 16.64 -17.56
N ALA A 400 11.52 16.53 -16.80
CA ALA A 400 11.87 17.57 -15.83
C ALA A 400 13.37 17.63 -15.64
N PRO A 401 13.88 18.81 -15.23
CA PRO A 401 15.24 18.80 -14.70
C PRO A 401 15.34 17.85 -13.50
N VAL A 402 16.57 17.40 -13.21
CA VAL A 402 16.92 16.84 -11.91
C VAL A 402 17.36 18.07 -11.09
N ALA A 403 18.65 18.29 -10.92
CA ALA A 403 19.11 19.47 -10.18
C ALA A 403 18.98 20.72 -11.03
N GLY A 404 18.85 21.86 -10.36
CA GLY A 404 18.80 23.15 -11.03
C GLY A 404 20.15 23.69 -11.43
N MET A 405 21.23 22.96 -11.16
CA MET A 405 22.58 23.42 -11.49
C MET A 405 23.43 22.20 -11.83
N PRO A 406 24.51 22.39 -12.59
CA PRO A 406 25.48 21.32 -12.77
C PRO A 406 26.24 21.02 -11.47
N ALA A 407 27.02 19.94 -11.48
CA ALA A 407 27.65 19.47 -10.24
C ALA A 407 28.36 20.60 -9.53
N PRO A 408 27.95 20.93 -8.29
CA PRO A 408 28.56 22.04 -7.57
C PRO A 408 29.88 21.66 -6.89
N PRO A 409 30.60 22.65 -6.38
CA PRO A 409 31.81 22.33 -5.62
C PRO A 409 31.53 21.48 -4.39
N LEU A 410 32.54 20.75 -3.97
CA LEU A 410 32.44 19.86 -2.80
C LEU A 410 31.90 20.52 -1.56
N ASP A 411 32.19 21.81 -1.37
CA ASP A 411 31.73 22.54 -0.18
C ASP A 411 30.35 23.19 -0.31
N PHE A 412 29.58 22.84 -1.34
CA PHE A 412 28.35 23.56 -1.63
C PHE A 412 27.31 23.52 -0.52
N ASP A 413 27.34 22.47 0.30
CA ASP A 413 26.37 22.30 1.38
C ASP A 413 27.05 22.17 2.75
N ASP A 414 28.27 22.69 2.86
CA ASP A 414 29.09 22.55 4.07
C ASP A 414 28.97 23.79 4.96
N HIS A 415 28.21 23.68 6.06
CA HIS A 415 28.02 24.77 7.03
C HIS A 415 27.61 26.09 6.35
N ILE A 416 26.60 26.00 5.48
CA ILE A 416 26.19 27.17 4.70
C ILE A 416 25.12 28.06 5.31
N GLY A 417 24.49 27.62 6.40
CA GLY A 417 23.45 28.40 7.05
C GLY A 417 22.06 28.27 6.45
N ARG A 418 21.09 28.89 7.12
CA ARG A 418 19.67 28.78 6.77
C ARG A 418 19.30 29.39 5.43
N GLU A 419 19.68 30.64 5.21
CA GLU A 419 19.33 31.33 3.98
C GLU A 419 19.85 30.60 2.73
N ALA A 420 21.12 30.21 2.78
CA ALA A 420 21.75 29.52 1.65
C ALA A 420 21.16 28.13 1.47
N SER A 421 20.72 27.52 2.56
CA SER A 421 20.11 26.18 2.48
C SER A 421 18.73 26.23 1.85
N ILE A 422 17.93 27.27 2.13
CA ILE A 422 16.69 27.49 1.40
C ILE A 422 16.96 27.68 -0.09
N ALA A 423 17.99 28.47 -0.43
CA ALA A 423 18.35 28.63 -1.83
C ALA A 423 18.73 27.30 -2.49
N LEU A 424 19.51 26.48 -1.79
CA LEU A 424 19.86 25.14 -2.29
C LEU A 424 18.61 24.29 -2.50
N PHE A 425 17.71 24.29 -1.52
CA PHE A 425 16.46 23.54 -1.68
C PHE A 425 15.70 24.01 -2.90
N ASP A 426 15.64 25.33 -3.11
CA ASP A 426 14.93 25.86 -4.26
C ASP A 426 15.55 25.40 -5.59
N GLN A 427 16.86 25.23 -5.62
CA GLN A 427 17.53 24.69 -6.80
C GLN A 427 17.17 23.23 -7.08
N MET A 428 16.74 22.52 -6.04
CA MET A 428 16.49 21.07 -6.12
C MET A 428 15.00 20.71 -6.19
N ARG A 429 14.13 21.69 -6.37
CA ARG A 429 12.67 21.48 -6.31
C ARG A 429 12.10 20.57 -7.40
N CYS A 430 12.83 20.29 -8.48
CA CYS A 430 12.35 19.30 -9.45
C CYS A 430 12.62 17.85 -9.03
N VAL A 431 13.27 17.66 -7.89
CA VAL A 431 13.69 16.31 -7.45
C VAL A 431 12.71 15.55 -6.51
N PRO A 432 12.43 16.07 -5.30
CA PRO A 432 11.81 15.22 -4.27
C PRO A 432 10.30 15.05 -4.37
N TRP A 433 9.62 15.81 -5.24
CA TRP A 433 8.18 15.59 -5.47
C TRP A 433 7.93 14.15 -5.98
N VAL A 434 8.90 13.63 -6.73
CA VAL A 434 8.83 12.29 -7.27
C VAL A 434 8.73 11.26 -6.15
N ASN A 435 9.54 11.44 -5.12
CA ASN A 435 9.53 10.57 -3.92
C ASN A 435 8.22 10.72 -3.14
N LEU A 436 7.81 11.95 -2.92
CA LEU A 436 6.60 12.24 -2.18
C LEU A 436 5.43 11.46 -2.73
N LEU A 437 5.31 11.44 -4.04
CA LEU A 437 4.13 10.86 -4.70
C LEU A 437 4.29 9.40 -5.11
N GLY A 438 5.49 8.85 -4.92
CA GLY A 438 5.72 7.42 -5.10
C GLY A 438 5.83 7.03 -6.54
N LEU A 439 6.62 7.79 -7.29
CA LEU A 439 6.72 7.60 -8.73
C LEU A 439 8.08 7.12 -9.17
N PRO A 440 8.11 6.24 -10.19
CA PRO A 440 9.41 5.88 -10.80
C PRO A 440 9.95 7.01 -11.67
N SER A 441 11.27 7.10 -11.83
CA SER A 441 11.88 8.14 -12.66
C SER A 441 13.26 7.72 -13.09
N LEU A 442 13.56 7.95 -14.37
CA LEU A 442 14.90 7.73 -14.91
C LEU A 442 15.64 9.06 -15.04
N ALA A 443 16.78 9.18 -14.38
CA ALA A 443 17.70 10.30 -14.66
C ALA A 443 18.62 9.97 -15.81
N LEU A 444 18.73 10.91 -16.74
CA LEU A 444 19.59 10.83 -17.89
C LEU A 444 20.92 11.50 -17.57
N PRO A 445 21.98 11.15 -18.31
CA PRO A 445 23.32 11.69 -18.02
C PRO A 445 23.46 13.20 -18.18
N ASN A 446 22.51 13.84 -18.85
CA ASN A 446 22.51 15.29 -19.01
C ASN A 446 21.75 16.05 -17.93
N GLY A 447 21.30 15.36 -16.87
CA GLY A 447 20.64 16.05 -15.77
C GLY A 447 19.16 16.31 -15.93
N ILE A 448 18.54 15.61 -16.87
CA ILE A 448 17.11 15.67 -17.12
C ILE A 448 16.53 14.30 -16.78
N GLN A 449 15.30 14.26 -16.29
CA GLN A 449 14.66 12.99 -15.89
C GLN A 449 13.32 12.80 -16.57
N LEU A 450 12.93 11.53 -16.66
CA LEU A 450 11.62 11.09 -17.19
C LEU A 450 10.90 10.37 -16.05
N VAL A 451 9.81 10.98 -15.61
CA VAL A 451 8.98 10.48 -14.50
C VAL A 451 7.72 9.82 -15.08
N GLY A 452 7.33 8.67 -14.53
CA GLY A 452 6.14 7.95 -14.98
C GLY A 452 5.20 7.65 -13.82
N ARG A 453 4.04 7.08 -14.15
CA ARG A 453 3.13 6.62 -13.12
C ARG A 453 3.67 5.38 -12.43
N LYS A 454 3.16 5.14 -11.23
CA LYS A 454 3.34 3.86 -10.58
C LYS A 454 3.07 2.74 -11.58
N HIS A 455 3.96 1.73 -11.58
CA HIS A 455 3.89 0.53 -12.42
C HIS A 455 4.32 0.69 -13.87
N ASP A 456 4.62 1.92 -14.31
CA ASP A 456 4.93 2.18 -15.72
C ASP A 456 6.43 2.32 -16.02
N GLU A 457 7.25 1.51 -15.34
CA GLU A 457 8.70 1.56 -15.55
C GLU A 457 9.14 1.34 -17.00
N LEU A 458 8.50 0.42 -17.71
CA LEU A 458 8.97 0.13 -19.06
C LEU A 458 8.65 1.26 -20.05
N THR A 459 7.57 2.00 -19.82
CA THR A 459 7.27 3.22 -20.61
C THR A 459 8.37 4.26 -20.43
N ILE A 460 8.84 4.40 -19.20
CA ILE A 460 9.94 5.32 -18.91
C ILE A 460 11.19 4.89 -19.67
N LEU A 461 11.55 3.61 -19.60
CA LEU A 461 12.78 3.17 -20.23
C LEU A 461 12.70 3.30 -21.74
N ALA A 462 11.52 3.11 -22.32
CA ALA A 462 11.35 3.32 -23.77
C ALA A 462 11.64 4.76 -24.15
N ALA A 463 11.17 5.71 -23.35
CA ALA A 463 11.46 7.12 -23.59
C ALA A 463 12.94 7.43 -23.38
N GLY A 464 13.55 6.78 -22.38
CA GLY A 464 14.99 6.86 -22.17
C GLY A 464 15.78 6.45 -23.40
N ARG A 465 15.31 5.41 -24.06
CA ARG A 465 15.99 4.91 -25.28
C ARG A 465 15.91 5.92 -26.40
N ALA A 466 14.85 6.72 -26.45
CA ALA A 466 14.78 7.83 -27.42
C ALA A 466 15.88 8.86 -27.21
N TYR A 467 16.15 9.24 -25.95
CA TYR A 467 17.28 10.10 -25.64
C TYR A 467 18.59 9.40 -26.04
N GLU A 468 18.72 8.13 -25.67
CA GLU A 468 19.95 7.37 -25.92
C GLU A 468 20.29 7.26 -27.42
N ARG A 469 19.25 7.20 -28.24
CA ARG A 469 19.40 7.15 -29.70
C ARG A 469 19.89 8.44 -30.32
N ARG A 470 19.81 9.54 -29.57
CA ARG A 470 20.08 10.90 -30.06
C ARG A 470 21.35 11.52 -29.49
N ALA A 471 21.66 11.18 -28.24
CA ALA A 471 22.79 11.76 -27.51
C ALA A 471 24.04 10.88 -27.68
N PRO A 472 25.25 11.46 -27.52
CA PRO A 472 26.42 10.59 -27.60
C PRO A 472 26.48 9.59 -26.47
N ARG A 473 27.05 8.44 -26.78
CA ARG A 473 27.27 7.36 -25.80
C ARG A 473 27.98 7.89 -24.59
N VAL A 474 27.57 7.44 -23.40
CA VAL A 474 28.30 7.76 -22.17
C VAL A 474 29.71 7.15 -22.23
N GLU A 475 30.70 7.96 -21.91
CA GLU A 475 32.08 7.50 -21.82
C GLU A 475 32.56 7.63 -20.38
N ILE A 476 33.45 6.71 -19.98
CA ILE A 476 33.99 6.77 -18.64
C ILE A 476 34.96 7.93 -18.48
N ALA A 477 35.10 8.38 -17.25
CA ALA A 477 36.03 9.44 -16.87
C ALA A 477 37.28 8.82 -16.31
N THR A 478 38.42 9.44 -16.55
CA THR A 478 39.66 9.03 -15.88
C THR A 478 39.99 10.09 -14.85
N PRO A 479 39.82 9.79 -13.54
CA PRO A 479 40.06 10.78 -12.50
C PRO A 479 41.48 11.36 -12.57
N ALA A 480 41.58 12.68 -12.53
CA ALA A 480 42.89 13.36 -12.58
C ALA A 480 42.82 14.77 -12.02
N SER B 2 -48.59 -22.09 -9.58
CA SER B 2 -47.71 -23.29 -9.49
C SER B 2 -47.72 -24.21 -10.71
N SER B 3 -48.86 -24.31 -11.39
CA SER B 3 -48.97 -25.22 -12.53
C SER B 3 -48.13 -24.85 -13.75
N HIS B 4 -47.53 -23.65 -13.75
CA HIS B 4 -46.70 -23.19 -14.86
C HIS B 4 -45.24 -23.62 -14.80
N HIS B 5 -44.91 -24.52 -13.87
CA HIS B 5 -43.53 -24.92 -13.60
C HIS B 5 -43.41 -26.44 -13.51
N HIS B 6 -42.20 -26.94 -13.77
CA HIS B 6 -41.89 -28.35 -13.57
C HIS B 6 -41.88 -28.60 -12.07
N HIS B 7 -42.23 -29.82 -11.71
CA HIS B 7 -42.11 -30.29 -10.33
C HIS B 7 -41.11 -31.45 -10.38
N HIS B 8 -39.87 -31.19 -9.98
CA HIS B 8 -38.78 -32.12 -10.24
C HIS B 8 -38.99 -33.46 -9.55
N HIS B 9 -38.61 -34.54 -10.22
CA HIS B 9 -38.90 -35.90 -9.75
C HIS B 9 -38.22 -36.28 -8.43
N SER B 10 -37.16 -35.57 -8.05
CA SER B 10 -36.57 -35.78 -6.71
C SER B 10 -37.57 -35.52 -5.60
N SER B 11 -38.62 -34.74 -5.85
CA SER B 11 -39.70 -34.55 -4.88
C SER B 11 -40.78 -35.59 -5.19
N GLY B 12 -40.73 -36.71 -4.48
CA GLY B 12 -41.69 -37.78 -4.73
C GLY B 12 -43.08 -37.48 -4.19
N LEU B 13 -44.10 -37.88 -4.95
CA LEU B 13 -45.55 -37.89 -4.58
C LEU B 13 -46.30 -36.61 -4.24
N VAL B 14 -45.67 -35.70 -3.52
CA VAL B 14 -46.32 -34.51 -3.01
C VAL B 14 -46.78 -33.65 -4.19
N PRO B 15 -48.00 -33.11 -4.12
CA PRO B 15 -48.46 -32.22 -5.18
C PRO B 15 -47.57 -30.99 -5.32
N ARG B 16 -47.38 -30.58 -6.58
CA ARG B 16 -46.58 -29.40 -6.91
C ARG B 16 -47.07 -28.17 -6.13
N GLY B 17 -48.38 -27.96 -6.13
CA GLY B 17 -48.95 -26.81 -5.45
C GLY B 17 -48.72 -26.83 -3.96
N SER B 18 -48.76 -28.03 -3.37
CA SER B 18 -48.47 -28.18 -1.94
C SER B 18 -47.02 -27.84 -1.62
N HIS B 19 -46.11 -28.44 -2.39
CA HIS B 19 -44.70 -28.13 -2.25
C HIS B 19 -44.44 -26.64 -2.34
N MET B 20 -45.06 -25.99 -3.33
CA MET B 20 -44.86 -24.57 -3.54
C MET B 20 -45.48 -23.67 -2.46
N ALA B 21 -46.45 -24.17 -1.69
CA ALA B 21 -47.05 -23.41 -0.60
C ALA B 21 -46.13 -23.23 0.61
N SER B 22 -44.98 -23.90 0.60
CA SER B 22 -43.96 -23.71 1.62
C SER B 22 -42.87 -22.77 1.15
N ALA B 23 -42.94 -22.30 -0.08
CA ALA B 23 -41.85 -21.46 -0.62
C ALA B 23 -41.75 -20.16 0.12
N GLN B 24 -40.59 -19.87 0.66
CA GLN B 24 -40.42 -18.70 1.50
C GLN B 24 -40.27 -17.45 0.66
N GLU B 25 -40.65 -16.32 1.27
CA GLU B 25 -40.46 -15.03 0.62
C GLU B 25 -38.97 -14.81 0.35
N THR B 26 -38.70 -13.97 -0.65
CA THR B 26 -37.31 -13.75 -1.08
C THR B 26 -36.43 -13.05 -0.05
N THR B 27 -37.04 -12.44 0.95
CA THR B 27 -36.34 -11.85 2.09
C THR B 27 -35.61 -12.90 2.90
N ARG B 28 -35.99 -14.17 2.76
CA ARG B 28 -35.34 -15.28 3.46
C ARG B 28 -34.27 -15.99 2.62
N LEU B 29 -34.13 -15.61 1.36
CA LEU B 29 -33.34 -16.37 0.39
C LEU B 29 -31.97 -15.75 0.13
N THR B 30 -31.04 -16.58 -0.33
CA THR B 30 -29.74 -16.12 -0.81
C THR B 30 -29.83 -15.56 -2.23
N ALA B 31 -28.79 -14.90 -2.67
CA ALA B 31 -28.79 -14.29 -3.98
C ALA B 31 -29.01 -15.32 -5.07
N THR B 32 -28.39 -16.50 -4.92
CA THR B 32 -28.58 -17.57 -5.90
C THR B 32 -30.02 -18.03 -5.96
N GLU B 33 -30.64 -18.19 -4.79
CA GLU B 33 -32.04 -18.63 -4.71
C GLU B 33 -32.99 -17.60 -5.30
N ILE B 34 -32.74 -16.31 -5.07
CA ILE B 34 -33.56 -15.27 -5.67
C ILE B 34 -33.45 -15.34 -7.19
N ARG B 35 -32.22 -15.41 -7.66
CA ARG B 35 -31.99 -15.46 -9.09
C ARG B 35 -32.59 -16.69 -9.75
N ALA B 36 -32.59 -17.81 -9.05
CA ALA B 36 -33.22 -19.02 -9.59
C ALA B 36 -34.72 -18.81 -9.73
N ARG B 37 -35.34 -18.16 -8.74
CA ARG B 37 -36.76 -17.86 -8.83
C ARG B 37 -37.10 -16.93 -10.00
N ILE B 38 -36.29 -15.91 -10.22
CA ILE B 38 -36.49 -15.00 -11.36
C ILE B 38 -36.34 -15.75 -12.67
N SER B 39 -35.29 -16.56 -12.78
CA SER B 39 -34.98 -17.25 -14.04
CA SER B 39 -34.99 -17.24 -14.05
C SER B 39 -36.06 -18.26 -14.42
N GLU B 40 -36.68 -18.87 -13.40
CA GLU B 40 -37.79 -19.83 -13.61
C GLU B 40 -39.12 -19.14 -13.90
N GLY B 41 -39.18 -17.82 -13.75
CA GLY B 41 -40.41 -17.06 -13.98
C GLY B 41 -41.38 -17.17 -12.81
N ALA B 42 -40.86 -17.51 -11.64
CA ALA B 42 -41.66 -17.62 -10.41
C ALA B 42 -41.72 -16.30 -9.63
N ALA B 43 -40.83 -15.36 -9.95
CA ALA B 43 -40.81 -14.02 -9.36
C ALA B 43 -40.31 -13.05 -10.41
N SER B 44 -40.81 -11.82 -10.37
CA SER B 44 -40.23 -10.72 -11.12
C SER B 44 -39.30 -9.96 -10.19
N ARG B 45 -38.44 -9.14 -10.78
CA ARG B 45 -37.55 -8.28 -9.99
C ARG B 45 -38.34 -7.29 -9.15
N GLU B 46 -39.41 -6.77 -9.75
CA GLU B 46 -40.28 -5.84 -9.06
C GLU B 46 -40.90 -6.50 -7.82
N GLU B 47 -41.33 -7.76 -7.97
CA GLU B 47 -41.88 -8.50 -6.84
C GLU B 47 -40.85 -8.67 -5.75
N VAL B 48 -39.61 -8.98 -6.13
CA VAL B 48 -38.55 -9.14 -5.14
C VAL B 48 -38.33 -7.85 -4.35
N VAL B 49 -38.26 -6.75 -5.07
CA VAL B 49 -38.06 -5.45 -4.46
C VAL B 49 -39.24 -5.09 -3.55
N HIS B 50 -40.48 -5.28 -4.03
CA HIS B 50 -41.65 -5.04 -3.17
C HIS B 50 -41.61 -5.88 -1.89
N GLU B 51 -41.23 -7.15 -1.98
CA GLU B 51 -41.16 -7.98 -0.79
C GLU B 51 -40.21 -7.39 0.26
N HIS B 52 -39.04 -6.95 -0.20
CA HIS B 52 -38.08 -6.33 0.70
C HIS B 52 -38.55 -4.99 1.23
N LEU B 53 -39.06 -4.12 0.37
CA LEU B 53 -39.56 -2.82 0.83
C LEU B 53 -40.73 -2.94 1.78
N ASP B 54 -41.59 -3.91 1.54
CA ASP B 54 -42.72 -4.13 2.46
C ASP B 54 -42.25 -4.61 3.82
N ARG B 55 -41.24 -5.48 3.85
CA ARG B 55 -40.68 -5.94 5.11
C ARG B 55 -39.98 -4.80 5.86
N ILE B 56 -39.25 -3.96 5.13
CA ILE B 56 -38.65 -2.78 5.71
C ILE B 56 -39.73 -1.88 6.31
N ASP B 57 -40.80 -1.67 5.57
CA ASP B 57 -41.85 -0.79 6.09
C ASP B 57 -42.46 -1.34 7.37
N GLU B 58 -42.57 -2.66 7.48
CA GLU B 58 -43.16 -3.28 8.65
C GLU B 58 -42.25 -3.20 9.88
N PHE B 59 -40.96 -3.43 9.69
CA PHE B 59 -40.04 -3.68 10.81
C PHE B 59 -38.89 -2.68 11.02
N ASN B 60 -38.61 -1.79 10.08
CA ASN B 60 -37.44 -0.90 10.20
C ASN B 60 -37.60 0.17 11.30
N ALA B 61 -38.83 0.45 11.72
CA ALA B 61 -39.00 1.33 12.89
C ALA B 61 -38.44 0.72 14.15
N LEU B 62 -38.32 -0.61 14.19
CA LEU B 62 -37.69 -1.28 15.34
C LEU B 62 -36.17 -1.32 15.27
N THR B 63 -35.60 -1.53 14.09
CA THR B 63 -34.14 -1.66 13.97
C THR B 63 -33.45 -0.35 13.62
N ASN B 64 -34.12 0.54 12.91
CA ASN B 64 -33.56 1.83 12.45
C ASN B 64 -32.30 1.60 11.64
N SER B 65 -32.31 0.54 10.84
CA SER B 65 -31.11 0.14 10.12
C SER B 65 -31.03 0.65 8.68
N PHE B 66 -32.17 0.82 8.01
CA PHE B 66 -32.21 1.46 6.70
C PHE B 66 -32.58 2.90 6.97
N VAL B 67 -31.63 3.81 6.73
CA VAL B 67 -31.79 5.20 7.15
C VAL B 67 -32.18 6.16 6.05
N GLU B 68 -31.97 5.77 4.79
CA GLU B 68 -32.38 6.59 3.66
C GLU B 68 -32.69 5.67 2.51
N LEU B 69 -33.96 5.52 2.18
CA LEU B 69 -34.40 4.64 1.10
C LEU B 69 -34.47 5.35 -0.24
N ARG B 70 -34.39 4.56 -1.31
CA ARG B 70 -34.64 5.03 -2.68
C ARG B 70 -35.68 4.12 -3.35
N ALA B 71 -36.82 4.00 -2.68
CA ALA B 71 -37.85 3.05 -3.04
C ALA B 71 -38.39 3.25 -4.45
N ASP B 72 -38.80 4.48 -4.78
CA ASP B 72 -39.36 4.71 -6.11
C ASP B 72 -38.34 4.42 -7.22
N GLN B 73 -37.09 4.82 -6.96
CA GLN B 73 -36.03 4.70 -7.92
C GLN B 73 -35.66 3.24 -8.17
N VAL B 74 -35.56 2.46 -7.09
CA VAL B 74 -35.19 1.06 -7.23
C VAL B 74 -36.34 0.25 -7.85
N LEU B 75 -37.57 0.58 -7.49
CA LEU B 75 -38.73 -0.04 -8.14
C LEU B 75 -38.75 0.25 -9.64
N GLU B 76 -38.44 1.49 -10.04
CA GLU B 76 -38.31 1.81 -11.48
C GLU B 76 -37.22 0.98 -12.17
N GLU B 77 -36.07 0.82 -11.50
CA GLU B 77 -34.98 -0.01 -12.04
C GLU B 77 -35.42 -1.44 -12.23
N ALA B 78 -36.12 -1.98 -11.25
CA ALA B 78 -36.58 -3.34 -11.31
C ALA B 78 -37.59 -3.57 -12.44
N ARG B 79 -38.56 -2.65 -12.54
CA ARG B 79 -39.59 -2.69 -13.61
C ARG B 79 -38.96 -2.58 -14.98
N ALA B 80 -38.00 -1.66 -15.11
CA ALA B 80 -37.28 -1.51 -16.39
C ALA B 80 -36.57 -2.77 -16.83
N ALA B 81 -35.90 -3.43 -15.89
CA ALA B 81 -35.22 -4.68 -16.15
C ALA B 81 -36.23 -5.78 -16.49
N ASP B 82 -37.34 -5.85 -15.74
CA ASP B 82 -38.40 -6.82 -16.02
C ASP B 82 -38.98 -6.61 -17.41
N ARG B 83 -39.37 -5.36 -17.69
CA ARG B 83 -40.05 -5.00 -18.95
C ARG B 83 -39.18 -5.31 -20.14
N GLU B 84 -37.87 -5.10 -20.00
CA GLU B 84 -37.00 -5.31 -21.13
C GLU B 84 -36.57 -6.76 -21.28
N PHE B 85 -36.26 -7.40 -20.15
CA PHE B 85 -35.59 -8.72 -20.13
C PHE B 85 -36.38 -9.91 -19.54
N GLY B 86 -37.45 -9.65 -18.81
CA GLY B 86 -38.29 -10.72 -18.31
C GLY B 86 -37.53 -11.68 -17.42
N SER B 87 -37.78 -12.97 -17.60
N SER B 87 -37.79 -12.98 -17.58
CA SER B 87 -37.13 -14.01 -16.79
CA SER B 87 -37.12 -14.03 -16.79
C SER B 87 -35.66 -14.26 -17.17
C SER B 87 -35.66 -14.25 -17.18
N THR B 88 -35.18 -13.58 -18.22
CA THR B 88 -33.76 -13.64 -18.61
C THR B 88 -32.91 -12.82 -17.63
N LEU B 89 -31.94 -13.48 -17.01
CA LEU B 89 -30.98 -12.78 -16.17
C LEU B 89 -29.94 -12.04 -17.00
N GLY B 90 -29.53 -10.89 -16.49
CA GLY B 90 -28.49 -10.06 -17.05
C GLY B 90 -27.19 -10.36 -16.34
N GLY B 91 -26.67 -9.37 -15.62
CA GLY B 91 -25.42 -9.54 -14.93
C GLY B 91 -25.53 -10.47 -13.73
N PRO B 92 -24.38 -10.78 -13.12
CA PRO B 92 -24.34 -11.78 -12.05
C PRO B 92 -25.01 -11.36 -10.74
N LEU B 93 -25.40 -10.09 -10.61
CA LEU B 93 -26.12 -9.60 -9.42
C LEU B 93 -27.54 -9.15 -9.76
N ASP B 94 -27.97 -9.37 -11.01
CA ASP B 94 -29.32 -9.03 -11.44
C ASP B 94 -30.37 -9.65 -10.49
N GLY B 95 -31.27 -8.81 -9.99
CA GLY B 95 -32.36 -9.25 -9.13
C GLY B 95 -32.11 -9.23 -7.65
N VAL B 96 -30.92 -8.81 -7.23
CA VAL B 96 -30.51 -8.96 -5.84
C VAL B 96 -30.55 -7.60 -5.12
N PRO B 97 -31.38 -7.49 -4.07
CA PRO B 97 -31.45 -6.24 -3.30
C PRO B 97 -30.27 -6.02 -2.39
N LEU B 98 -29.81 -4.77 -2.36
CA LEU B 98 -28.60 -4.38 -1.64
C LEU B 98 -28.83 -3.29 -0.61
N SER B 99 -28.05 -3.37 0.46
CA SER B 99 -27.92 -2.31 1.46
C SER B 99 -26.54 -1.70 1.30
N ILE B 100 -26.42 -0.36 1.30
CA ILE B 100 -25.10 0.27 1.15
C ILE B 100 -24.87 1.16 2.37
N LYS B 101 -23.75 1.00 3.05
CA LYS B 101 -23.39 1.88 4.17
C LYS B 101 -23.42 3.34 3.74
N ASP B 102 -23.95 4.20 4.61
CA ASP B 102 -23.99 5.65 4.42
C ASP B 102 -22.65 6.23 3.90
N SER B 103 -21.55 5.63 4.30
CA SER B 103 -20.22 6.07 3.90
C SER B 103 -19.91 6.07 2.41
N TYR B 104 -20.61 5.22 1.66
CA TYR B 104 -20.29 4.97 0.25
C TYR B 104 -21.34 5.64 -0.60
N SER B 105 -20.90 6.50 -1.51
CA SER B 105 -21.82 7.27 -2.31
C SER B 105 -22.74 6.39 -3.16
N VAL B 106 -24.02 6.77 -3.14
CA VAL B 106 -25.03 6.26 -4.06
C VAL B 106 -25.64 7.49 -4.72
N ALA B 107 -25.67 7.54 -6.05
CA ALA B 107 -26.25 8.69 -6.75
C ALA B 107 -27.70 8.91 -6.28
N GLY B 108 -27.98 10.16 -5.89
CA GLY B 108 -29.30 10.55 -5.41
C GLY B 108 -29.54 10.39 -3.94
N LEU B 109 -28.57 9.82 -3.22
CA LEU B 109 -28.60 9.74 -1.75
C LEU B 109 -27.57 10.65 -1.11
N HIS B 110 -27.67 10.79 0.19
CA HIS B 110 -26.80 11.66 0.94
C HIS B 110 -25.82 10.89 1.77
N ARG B 111 -24.59 11.35 1.80
CA ARG B 111 -23.53 10.74 2.54
C ARG B 111 -23.30 11.64 3.75
N THR B 112 -23.64 11.17 4.93
CA THR B 112 -23.74 12.07 6.10
C THR B 112 -22.75 11.87 7.24
N ASP B 113 -22.16 10.68 7.37
CA ASP B 113 -21.30 10.33 8.51
C ASP B 113 -22.10 10.40 9.84
N GLY B 114 -23.42 10.30 9.71
CA GLY B 114 -24.33 10.36 10.86
C GLY B 114 -24.64 11.76 11.34
N LEU B 115 -24.04 12.80 10.73
CA LEU B 115 -24.11 14.16 11.30
C LEU B 115 -25.21 14.96 10.62
N PRO B 116 -26.12 15.56 11.41
CA PRO B 116 -27.16 16.36 10.79
C PRO B 116 -26.66 17.47 9.87
N VAL B 117 -25.52 18.07 10.20
CA VAL B 117 -24.94 19.12 9.36
C VAL B 117 -24.70 18.68 7.92
N ASN B 118 -24.50 17.36 7.72
CA ASN B 118 -24.25 16.81 6.36
C ASN B 118 -25.50 16.29 5.65
N ALA B 119 -26.69 16.59 6.18
CA ALA B 119 -27.93 16.13 5.54
C ALA B 119 -28.19 16.77 4.17
N ASP B 120 -27.43 17.81 3.82
CA ASP B 120 -27.51 18.46 2.51
C ASP B 120 -26.45 17.99 1.51
N VAL B 121 -25.67 16.97 1.85
CA VAL B 121 -24.60 16.48 0.97
C VAL B 121 -25.22 15.45 0.03
N LEU B 122 -25.75 15.92 -1.08
CA LEU B 122 -26.41 15.07 -2.06
C LEU B 122 -25.41 14.69 -3.14
N ASP B 123 -25.18 13.38 -3.30
CA ASP B 123 -24.23 12.91 -4.30
C ASP B 123 -24.87 12.69 -5.65
N ALA B 124 -24.22 13.24 -6.68
CA ALA B 124 -24.66 13.08 -8.05
C ALA B 124 -24.22 11.75 -8.64
N GLN B 125 -23.13 11.19 -8.11
CA GLN B 125 -22.56 9.95 -8.64
C GLN B 125 -22.36 8.87 -7.58
N ASP B 126 -22.39 7.62 -8.04
CA ASP B 126 -22.02 6.47 -7.22
C ASP B 126 -20.50 6.45 -6.97
N ASP B 127 -20.10 5.92 -5.82
CA ASP B 127 -18.71 5.49 -5.63
C ASP B 127 -18.42 4.35 -6.59
N VAL B 128 -17.13 4.09 -6.86
CA VAL B 128 -16.80 3.03 -7.80
C VAL B 128 -17.30 1.65 -7.32
N ALA B 129 -17.16 1.34 -6.03
CA ALA B 129 -17.63 0.03 -5.51
C ALA B 129 -19.14 -0.12 -5.72
N THR B 130 -19.91 0.91 -5.38
CA THR B 130 -21.35 0.92 -5.59
C THR B 130 -21.69 0.77 -7.07
N ALA B 131 -20.99 1.53 -7.92
CA ALA B 131 -21.22 1.50 -9.35
C ALA B 131 -21.03 0.10 -9.93
N ARG B 132 -20.02 -0.61 -9.44
CA ARG B 132 -19.77 -1.95 -9.90
C ARG B 132 -20.89 -2.90 -9.52
N LEU B 133 -21.39 -2.80 -8.29
CA LEU B 133 -22.52 -3.62 -7.86
C LEU B 133 -23.76 -3.35 -8.70
N ARG B 134 -24.02 -2.07 -8.98
CA ARG B 134 -25.18 -1.69 -9.80
C ARG B 134 -25.02 -2.13 -11.24
N ALA B 135 -23.81 -2.02 -11.80
CA ALA B 135 -23.57 -2.40 -13.19
C ALA B 135 -23.76 -3.89 -13.39
N ALA B 136 -23.52 -4.67 -12.34
CA ALA B 136 -23.71 -6.13 -12.38
C ALA B 136 -25.18 -6.51 -12.20
N GLY B 137 -26.04 -5.53 -11.93
CA GLY B 137 -27.48 -5.74 -11.78
C GLY B 137 -28.06 -5.57 -10.40
N GLY B 138 -27.23 -5.27 -9.42
CA GLY B 138 -27.71 -5.12 -8.05
C GLY B 138 -28.70 -3.99 -7.89
N LEU B 139 -29.66 -4.17 -6.99
CA LEU B 139 -30.76 -3.24 -6.78
C LEU B 139 -30.60 -2.58 -5.44
N VAL B 140 -30.04 -1.37 -5.43
CA VAL B 140 -29.75 -0.69 -4.16
C VAL B 140 -31.03 -0.13 -3.54
N LEU B 141 -31.38 -0.62 -2.37
CA LEU B 141 -32.62 -0.17 -1.71
C LEU B 141 -32.42 1.13 -0.99
N GLY B 142 -31.20 1.41 -0.54
CA GLY B 142 -30.96 2.60 0.25
C GLY B 142 -29.66 2.57 1.01
N HIS B 143 -29.48 3.57 1.85
CA HIS B 143 -28.32 3.68 2.72
C HIS B 143 -28.62 3.12 4.11
N ALA B 144 -27.60 2.54 4.72
CA ALA B 144 -27.67 1.90 6.02
C ALA B 144 -27.03 2.73 7.13
N GLY B 145 -27.54 2.56 8.34
CA GLY B 145 -27.12 3.33 9.51
C GLY B 145 -25.70 3.09 9.99
N ILE B 146 -25.18 4.08 10.70
CA ILE B 146 -23.80 4.21 11.13
C ILE B 146 -23.73 5.01 12.41
N PRO B 147 -22.60 4.95 13.14
CA PRO B 147 -22.34 5.90 14.20
C PRO B 147 -21.81 7.20 13.65
N ASP B 148 -22.02 8.29 14.38
CA ASP B 148 -21.31 9.54 14.10
C ASP B 148 -19.82 9.26 13.87
N LEU B 149 -19.29 9.78 12.76
CA LEU B 149 -17.86 9.66 12.38
C LEU B 149 -17.39 8.25 12.00
N CYS B 150 -18.27 7.27 12.05
CA CYS B 150 -17.89 5.86 11.89
C CYS B 150 -16.77 5.41 12.83
N ILE B 151 -16.76 5.93 14.05
CA ILE B 151 -15.79 5.49 15.07
C ILE B 151 -16.54 5.02 16.30
N ARG B 152 -17.03 3.80 16.25
CA ARG B 152 -17.74 3.23 17.39
C ARG B 152 -18.17 1.83 17.02
N TRP B 153 -18.16 0.92 17.97
CA TRP B 153 -18.72 -0.41 17.77
C TRP B 153 -20.21 -0.45 18.14
N ASN B 154 -20.94 0.63 17.82
CA ASN B 154 -22.36 0.79 18.18
C ASN B 154 -22.85 1.87 17.25
N SER B 155 -23.84 1.56 16.41
CA SER B 155 -24.21 2.45 15.31
C SER B 155 -25.28 3.45 15.76
N VAL B 156 -24.81 4.51 16.41
CA VAL B 156 -25.67 5.54 17.01
C VAL B 156 -25.30 6.86 16.37
N SER B 157 -26.28 7.52 15.74
CA SER B 157 -26.01 8.82 15.11
C SER B 157 -26.93 9.92 15.55
N GLY B 158 -26.44 11.14 15.39
CA GLY B 158 -27.25 12.33 15.61
C GLY B 158 -28.40 12.43 14.64
N LEU B 159 -28.18 11.98 13.40
CA LEU B 159 -29.18 12.12 12.37
C LEU B 159 -30.26 11.06 12.45
N TYR B 160 -29.89 9.82 12.74
CA TYR B 160 -30.81 8.69 12.62
C TYR B 160 -31.12 7.94 13.91
N GLY B 161 -30.43 8.24 14.99
CA GLY B 161 -30.61 7.48 16.23
C GLY B 161 -29.83 6.19 16.23
N ALA B 162 -30.33 5.19 16.96
CA ALA B 162 -29.55 3.98 17.25
C ALA B 162 -30.04 2.81 16.42
N VAL B 163 -29.11 2.12 15.76
CA VAL B 163 -29.45 0.83 15.14
C VAL B 163 -29.58 -0.21 16.25
N ARG B 164 -30.63 -1.03 16.18
CA ARG B 164 -30.81 -2.09 17.17
C ARG B 164 -30.66 -3.45 16.51
N ASN B 165 -30.16 -4.42 17.26
CA ASN B 165 -29.90 -5.76 16.73
C ASN B 165 -31.21 -6.49 16.42
N PRO B 166 -31.43 -6.92 15.18
CA PRO B 166 -32.70 -7.58 14.86
C PRO B 166 -32.88 -8.93 15.56
N ARG B 167 -31.79 -9.51 16.03
CA ARG B 167 -31.86 -10.78 16.77
C ARG B 167 -32.30 -10.60 18.22
N ASP B 168 -32.15 -9.38 18.72
CA ASP B 168 -32.53 -9.02 20.11
C ASP B 168 -32.39 -7.50 20.21
N LEU B 169 -33.53 -6.80 20.21
CA LEU B 169 -33.53 -5.34 20.06
C LEU B 169 -32.97 -4.58 21.26
N SER B 170 -32.75 -5.28 22.37
CA SER B 170 -32.07 -4.68 23.52
C SER B 170 -30.56 -4.60 23.38
N ARG B 171 -30.02 -5.22 22.33
CA ARG B 171 -28.58 -5.32 22.12
C ARG B 171 -28.12 -4.45 20.97
N THR B 172 -26.85 -4.06 21.05
CA THR B 172 -26.19 -3.36 19.96
C THR B 172 -26.14 -4.23 18.68
N ALA B 173 -26.18 -3.58 17.52
CA ALA B 173 -25.89 -4.22 16.24
C ALA B 173 -24.41 -4.16 15.91
N GLY B 174 -23.62 -3.52 16.75
CA GLY B 174 -22.22 -3.27 16.46
C GLY B 174 -22.06 -2.07 15.58
N GLY B 175 -20.83 -1.85 15.14
CA GLY B 175 -20.52 -0.75 14.27
C GLY B 175 -19.06 -0.84 13.85
N SER B 176 -18.62 0.04 12.96
CA SER B 176 -19.46 1.09 12.38
C SER B 176 -20.43 0.67 11.28
N SER B 177 -20.30 -0.54 10.70
CA SER B 177 -21.25 -0.99 9.67
C SER B 177 -22.45 -1.74 10.30
N GLY B 178 -23.00 -1.19 11.38
CA GLY B 178 -24.09 -1.86 12.09
C GLY B 178 -25.39 -1.92 11.32
N GLY B 179 -25.71 -0.83 10.62
CA GLY B 179 -26.92 -0.79 9.83
C GLY B 179 -26.92 -1.85 8.76
N ASP B 180 -25.80 -2.02 8.05
CA ASP B 180 -25.75 -3.01 6.99
C ASP B 180 -25.87 -4.43 7.55
N ALA B 181 -25.17 -4.71 8.65
CA ALA B 181 -25.27 -6.04 9.29
C ALA B 181 -26.71 -6.29 9.72
N ALA B 182 -27.35 -5.28 10.30
CA ALA B 182 -28.73 -5.44 10.75
C ALA B 182 -29.68 -5.64 9.58
N ASN B 183 -29.48 -4.91 8.48
CA ASN B 183 -30.34 -5.08 7.30
C ASN B 183 -30.27 -6.49 6.75
N VAL B 184 -29.04 -7.03 6.65
CA VAL B 184 -28.86 -8.39 6.18
C VAL B 184 -29.45 -9.41 7.16
N ALA B 185 -29.19 -9.21 8.45
CA ALA B 185 -29.72 -10.17 9.45
C ALA B 185 -31.24 -10.16 9.52
N ALA B 186 -31.86 -9.01 9.25
CA ALA B 186 -33.31 -8.85 9.30
C ALA B 186 -34.04 -9.26 8.02
N GLY B 187 -33.29 -9.58 6.96
CA GLY B 187 -33.90 -9.88 5.66
C GLY B 187 -34.45 -8.66 4.95
N PHE B 188 -33.88 -7.49 5.24
CA PHE B 188 -34.24 -6.27 4.53
C PHE B 188 -33.47 -6.12 3.21
N ALA B 189 -32.35 -6.84 3.09
CA ALA B 189 -31.53 -6.85 1.88
C ALA B 189 -30.78 -8.17 1.87
N THR B 190 -30.29 -8.56 0.71
CA THR B 190 -29.55 -9.81 0.57
C THR B 190 -28.08 -9.67 0.90
N ILE B 191 -27.50 -8.55 0.47
CA ILE B 191 -26.08 -8.27 0.66
C ILE B 191 -25.92 -6.81 1.10
N GLY B 192 -24.97 -6.55 2.00
CA GLY B 192 -24.64 -5.21 2.46
C GLY B 192 -23.23 -4.86 2.05
N LEU B 193 -22.92 -3.57 1.97
CA LEU B 193 -21.59 -3.09 1.66
C LEU B 193 -21.13 -2.24 2.82
N GLY B 194 -20.05 -2.64 3.48
CA GLY B 194 -19.46 -1.86 4.55
C GLY B 194 -17.97 -1.63 4.35
N GLY B 195 -17.36 -1.18 5.42
CA GLY B 195 -15.90 -0.96 5.48
C GLY B 195 -15.42 -1.27 6.87
N ASP B 196 -14.11 -1.50 7.02
CA ASP B 196 -13.54 -2.01 8.27
C ASP B 196 -12.19 -1.33 8.53
N LEU B 197 -12.18 -0.45 9.55
CA LEU B 197 -11.01 0.27 10.04
C LEU B 197 -10.49 -0.25 11.39
N GLY B 198 -11.41 -0.66 12.26
CA GLY B 198 -11.09 -1.29 13.54
C GLY B 198 -12.10 -2.34 13.91
N GLY B 199 -12.47 -3.15 12.93
CA GLY B 199 -13.48 -4.19 13.10
C GLY B 199 -14.82 -3.82 12.56
N SER B 200 -14.91 -2.76 11.78
CA SER B 200 -16.19 -2.14 11.41
C SER B 200 -17.11 -2.97 10.50
N ILE B 201 -16.59 -4.04 9.88
CA ILE B 201 -17.39 -5.09 9.23
C ILE B 201 -17.54 -6.31 10.13
N ARG B 202 -16.42 -6.79 10.65
CA ARG B 202 -16.39 -8.06 11.36
C ARG B 202 -17.20 -8.04 12.65
N VAL B 203 -17.12 -6.95 13.40
CA VAL B 203 -17.82 -6.85 14.68
C VAL B 203 -19.35 -6.85 14.48
N PRO B 204 -19.89 -5.94 13.65
CA PRO B 204 -21.36 -5.99 13.45
C PRO B 204 -21.86 -7.25 12.75
N ALA B 205 -21.08 -7.77 11.81
CA ALA B 205 -21.49 -9.01 11.15
C ALA B 205 -21.62 -10.13 12.19
N SER B 206 -20.62 -10.32 13.03
CA SER B 206 -20.62 -11.34 14.07
C SER B 206 -21.74 -11.12 15.07
N TRP B 207 -21.88 -9.90 15.57
CA TRP B 207 -22.94 -9.61 16.54
C TRP B 207 -24.34 -9.74 15.98
N CYS B 208 -24.49 -9.53 14.69
CA CYS B 208 -25.77 -9.76 14.03
C CYS B 208 -25.92 -11.18 13.45
N GLY B 209 -24.94 -12.08 13.65
CA GLY B 209 -25.07 -13.46 13.19
C GLY B 209 -25.09 -13.63 11.69
N VAL B 210 -24.26 -12.86 10.97
CA VAL B 210 -24.10 -12.99 9.53
C VAL B 210 -22.60 -13.04 9.16
N TYR B 211 -22.29 -13.24 7.89
CA TYR B 211 -20.90 -13.21 7.43
C TYR B 211 -20.50 -11.79 7.11
N GLY B 212 -19.24 -11.44 7.40
CA GLY B 212 -18.71 -10.13 7.01
C GLY B 212 -17.27 -10.30 6.56
N PHE B 213 -16.96 -9.85 5.35
CA PHE B 213 -15.62 -10.05 4.78
C PHE B 213 -14.90 -8.72 4.64
N ARG B 214 -13.86 -8.52 5.43
CA ARG B 214 -12.94 -7.41 5.23
C ARG B 214 -11.94 -7.85 4.18
N THR B 215 -12.00 -7.25 3.00
CA THR B 215 -11.05 -7.57 1.93
C THR B 215 -9.69 -6.96 2.29
N GLY B 216 -8.67 -7.30 1.50
CA GLY B 216 -7.33 -6.85 1.78
C GLY B 216 -6.82 -5.82 0.80
N PRO B 217 -5.62 -5.29 1.07
CA PRO B 217 -5.01 -4.29 0.21
C PRO B 217 -5.07 -4.60 -1.28
N GLY B 218 -5.46 -3.59 -2.06
CA GLY B 218 -5.38 -3.65 -3.51
C GLY B 218 -6.63 -4.06 -4.25
N ARG B 219 -7.51 -4.82 -3.60
CA ARG B 219 -8.57 -5.49 -4.35
C ARG B 219 -9.73 -4.57 -4.77
N ILE B 220 -10.37 -3.96 -3.79
CA ILE B 220 -11.51 -3.08 -4.04
C ILE B 220 -11.09 -1.62 -3.90
N PRO B 221 -11.28 -0.80 -4.95
CA PRO B 221 -10.89 0.60 -4.86
C PRO B 221 -11.90 1.42 -4.08
N ASP B 222 -11.38 2.40 -3.35
CA ASP B 222 -12.20 3.37 -2.66
C ASP B 222 -12.08 4.68 -3.41
N VAL B 223 -13.07 4.94 -4.26
CA VAL B 223 -13.08 6.10 -5.15
C VAL B 223 -14.44 6.76 -5.05
N ASN B 224 -14.41 8.05 -4.71
CA ASN B 224 -15.62 8.87 -4.62
C ASN B 224 -15.49 9.97 -5.66
N PRO B 225 -16.18 9.82 -6.79
CA PRO B 225 -16.17 10.83 -7.88
C PRO B 225 -16.78 12.18 -7.49
N ASN B 226 -17.53 12.23 -6.39
CA ASN B 226 -18.17 13.47 -5.92
C ASN B 226 -17.17 14.35 -5.19
N GLY B 227 -16.03 13.77 -4.82
CA GLY B 227 -14.98 14.51 -4.14
C GLY B 227 -15.13 14.20 -2.67
N GLY B 228 -14.34 13.25 -2.19
CA GLY B 228 -14.22 13.00 -0.75
C GLY B 228 -13.14 13.86 -0.10
N ARG B 229 -13.02 13.72 1.22
CA ARG B 229 -11.99 14.44 1.97
C ARG B 229 -10.68 13.68 1.82
N SER B 230 -9.57 14.42 1.74
CA SER B 230 -8.22 13.82 1.70
C SER B 230 -7.85 13.19 3.05
N ARG B 231 -7.25 12.01 3.04
CA ARG B 231 -6.92 11.29 4.26
C ARG B 231 -5.44 10.96 4.43
N ASN B 232 -5.03 10.83 5.69
CA ASN B 232 -3.68 10.38 6.05
C ASN B 232 -3.49 9.00 5.46
N VAL B 233 -2.41 8.77 4.73
CA VAL B 233 -2.09 7.42 4.26
C VAL B 233 -2.10 6.37 5.37
N VAL B 234 -1.66 6.74 6.56
CA VAL B 234 -1.60 5.78 7.67
C VAL B 234 -3.00 5.21 7.95
N MET B 235 -3.99 6.08 7.98
CA MET B 235 -5.36 5.65 8.19
C MET B 235 -5.85 4.83 7.01
N GLU B 236 -5.54 5.29 5.79
CA GLU B 236 -5.95 4.57 4.59
C GLU B 236 -5.40 3.14 4.49
N LEU B 237 -4.19 2.95 4.96
CA LEU B 237 -3.58 1.63 4.97
C LEU B 237 -4.29 0.62 5.84
N MET B 238 -5.11 1.09 6.78
CA MET B 238 -5.78 0.22 7.74
C MET B 238 -7.24 -0.06 7.41
N ALA B 239 -7.78 0.60 6.40
CA ALA B 239 -9.22 0.50 6.08
C ALA B 239 -9.44 -0.23 4.77
N GLN B 240 -10.45 -1.10 4.72
CA GLN B 240 -10.84 -1.80 3.49
C GLN B 240 -12.34 -1.95 3.41
N ILE B 241 -12.83 -1.99 2.18
CA ILE B 241 -14.26 -2.19 1.88
C ILE B 241 -14.57 -3.68 1.87
N GLY B 242 -15.80 -4.08 2.19
CA GLY B 242 -16.18 -5.44 1.93
C GLY B 242 -17.64 -5.73 2.15
N PRO B 243 -18.07 -6.92 1.72
CA PRO B 243 -19.49 -7.29 1.79
C PRO B 243 -19.89 -7.96 3.10
N ILE B 244 -21.20 -7.90 3.34
CA ILE B 244 -21.87 -8.58 4.46
C ILE B 244 -23.02 -9.38 3.85
N ALA B 245 -23.15 -10.65 4.21
CA ALA B 245 -24.15 -11.51 3.57
C ALA B 245 -24.48 -12.70 4.42
N ARG B 246 -25.44 -13.49 3.95
CA ARG B 246 -25.90 -14.69 4.71
C ARG B 246 -25.30 -15.99 4.22
N SER B 247 -24.45 -15.97 3.20
CA SER B 247 -23.76 -17.15 2.72
C SER B 247 -22.42 -16.72 2.14
N ILE B 248 -21.50 -17.66 2.06
CA ILE B 248 -20.19 -17.36 1.49
C ILE B 248 -20.27 -17.15 -0.01
N ASP B 249 -21.14 -17.87 -0.72
CA ASP B 249 -21.32 -17.59 -2.15
C ASP B 249 -21.66 -16.11 -2.39
N ASP B 250 -22.52 -15.53 -1.55
CA ASP B 250 -22.89 -14.11 -1.70
C ASP B 250 -21.75 -13.15 -1.34
N ILE B 251 -20.98 -13.47 -0.30
CA ILE B 251 -19.73 -12.76 0.00
C ILE B 251 -18.82 -12.77 -1.20
N GLU B 252 -18.58 -13.96 -1.75
CA GLU B 252 -17.63 -14.12 -2.84
C GLU B 252 -18.12 -13.43 -4.11
N LEU B 253 -19.40 -13.57 -4.42
CA LEU B 253 -20.02 -12.87 -5.56
C LEU B 253 -19.79 -11.37 -5.46
N ALA B 254 -20.15 -10.77 -4.32
CA ALA B 254 -19.98 -9.32 -4.19
C ALA B 254 -18.51 -8.90 -4.29
N PHE B 255 -17.64 -9.65 -3.63
CA PHE B 255 -16.20 -9.39 -3.65
C PHE B 255 -15.65 -9.42 -5.06
N ARG B 256 -15.99 -10.47 -5.80
CA ARG B 256 -15.52 -10.60 -7.19
C ARG B 256 -16.02 -9.48 -8.10
N ILE B 257 -17.26 -9.04 -7.89
CA ILE B 257 -17.80 -7.93 -8.67
C ILE B 257 -17.05 -6.63 -8.42
N MET B 258 -16.72 -6.37 -7.15
CA MET B 258 -16.14 -5.09 -6.79
C MET B 258 -14.64 -5.00 -7.03
N THR B 259 -13.98 -6.15 -7.19
CA THR B 259 -12.54 -6.17 -7.37
C THR B 259 -12.16 -5.67 -8.77
N GLY B 260 -11.12 -4.83 -8.82
CA GLY B 260 -10.54 -4.34 -10.07
C GLY B 260 -9.88 -2.99 -9.85
N VAL B 261 -8.81 -2.73 -10.60
CA VAL B 261 -8.07 -1.49 -10.43
C VAL B 261 -8.91 -0.25 -10.74
N ASP B 262 -8.63 0.81 -9.99
CA ASP B 262 -9.02 2.17 -10.38
C ASP B 262 -7.95 3.09 -9.85
N ARG B 263 -7.21 3.70 -10.77
CA ARG B 263 -6.05 4.45 -10.38
C ARG B 263 -6.36 5.74 -9.65
N ARG B 264 -7.64 6.09 -9.51
CA ARG B 264 -8.01 7.17 -8.60
C ARG B 264 -7.89 6.82 -7.12
N ASP B 265 -7.61 5.56 -6.80
CA ASP B 265 -7.29 5.14 -5.46
C ASP B 265 -5.86 4.65 -5.50
N THR B 266 -4.96 5.36 -4.82
CA THR B 266 -3.55 4.98 -4.75
C THR B 266 -3.29 3.57 -4.20
N MET B 267 -4.22 3.06 -3.39
CA MET B 267 -4.08 1.73 -2.79
C MET B 267 -4.59 0.60 -3.67
N SER B 268 -5.30 0.95 -4.74
CA SER B 268 -5.85 -0.03 -5.66
C SER B 268 -4.73 -0.64 -6.53
N SER B 269 -4.82 -1.93 -6.81
CA SER B 269 -3.85 -2.62 -7.64
C SER B 269 -4.53 -3.40 -8.76
N PRO B 270 -3.86 -3.49 -9.92
CA PRO B 270 -4.36 -4.33 -11.02
C PRO B 270 -4.04 -5.82 -10.82
N LEU B 271 -3.40 -6.18 -9.72
CA LEU B 271 -3.13 -7.58 -9.45
C LEU B 271 -4.42 -8.40 -9.43
N GLY B 272 -4.43 -9.56 -10.08
CA GLY B 272 -5.58 -10.44 -10.03
C GLY B 272 -5.71 -11.19 -8.73
N LEU B 273 -6.81 -11.90 -8.60
CA LEU B 273 -7.01 -12.77 -7.45
C LEU B 273 -6.02 -13.95 -7.49
N ILE B 274 -5.56 -14.36 -6.33
CA ILE B 274 -4.62 -15.47 -6.20
C ILE B 274 -5.41 -16.71 -5.83
N GLU B 275 -5.15 -17.80 -6.54
CA GLU B 275 -5.87 -19.02 -6.28
C GLU B 275 -5.59 -19.54 -4.88
N PRO B 276 -6.56 -20.24 -4.29
CA PRO B 276 -6.34 -20.72 -2.91
C PRO B 276 -5.11 -21.60 -2.79
N ILE B 277 -4.38 -21.41 -1.69
CA ILE B 277 -3.19 -22.19 -1.32
C ILE B 277 -3.61 -23.61 -1.10
N GLU B 278 -2.78 -24.56 -1.52
CA GLU B 278 -3.14 -25.98 -1.48
C GLU B 278 -3.53 -26.53 -0.09
N ALA B 279 -2.63 -26.38 0.88
CA ALA B 279 -2.82 -26.89 2.23
C ALA B 279 -2.22 -25.91 3.24
N PRO B 280 -2.92 -24.78 3.47
CA PRO B 280 -2.41 -23.83 4.43
C PRO B 280 -2.52 -24.35 5.84
N ARG B 281 -1.53 -24.02 6.68
CA ARG B 281 -1.60 -24.33 8.10
C ARG B 281 -2.27 -23.16 8.81
N VAL B 282 -3.05 -23.49 9.83
CA VAL B 282 -3.84 -22.52 10.59
C VAL B 282 -3.23 -22.37 11.99
N ALA B 283 -2.95 -21.13 12.39
CA ALA B 283 -2.56 -20.83 13.76
C ALA B 283 -3.76 -20.29 14.50
N VAL B 284 -3.93 -20.68 15.76
CA VAL B 284 -5.02 -20.20 16.60
C VAL B 284 -4.52 -19.05 17.47
N LEU B 285 -5.19 -17.90 17.33
CA LEU B 285 -5.04 -16.79 18.25
C LEU B 285 -6.13 -16.89 19.30
N ARG B 286 -5.72 -16.96 20.56
CA ARG B 286 -6.68 -16.99 21.66
C ARG B 286 -6.35 -15.82 22.57
N HIS B 287 -5.32 -15.94 23.41
CA HIS B 287 -4.98 -14.85 24.34
C HIS B 287 -3.71 -14.08 24.01
N GLU B 288 -3.11 -14.34 22.85
CA GLU B 288 -1.81 -13.77 22.51
C GLU B 288 -1.81 -12.27 22.20
N THR B 289 -2.99 -11.67 21.97
CA THR B 289 -3.07 -10.20 21.90
C THR B 289 -3.59 -9.59 23.21
N GLY B 290 -3.74 -10.41 24.25
CA GLY B 290 -4.21 -9.95 25.56
C GLY B 290 -5.71 -9.87 25.73
N ALA B 291 -6.47 -10.47 24.82
CA ALA B 291 -7.92 -10.38 24.88
C ALA B 291 -8.52 -11.09 26.08
N VAL B 292 -9.60 -10.49 26.59
CA VAL B 292 -10.43 -11.06 27.65
C VAL B 292 -11.65 -11.68 26.99
N LEU B 293 -11.73 -13.01 27.03
CA LEU B 293 -12.72 -13.78 26.28
C LEU B 293 -13.72 -14.45 27.20
N ASP B 294 -14.99 -14.34 26.87
CA ASP B 294 -16.06 -15.11 27.53
C ASP B 294 -15.92 -16.60 27.20
N SER B 295 -16.38 -17.45 28.12
CA SER B 295 -16.39 -18.90 27.89
C SER B 295 -17.12 -19.29 26.61
N SER B 296 -18.24 -18.64 26.34
CA SER B 296 -19.04 -18.92 25.15
C SER B 296 -18.25 -18.66 23.87
N VAL B 297 -17.40 -17.64 23.89
CA VAL B 297 -16.56 -17.31 22.73
C VAL B 297 -15.45 -18.35 22.55
N GLU B 298 -14.82 -18.75 23.64
CA GLU B 298 -13.85 -19.83 23.59
C GLU B 298 -14.46 -21.14 23.08
N GLU B 299 -15.71 -21.41 23.43
CA GLU B 299 -16.41 -22.59 22.91
C GLU B 299 -16.61 -22.52 21.41
N GLN B 300 -16.92 -21.33 20.89
CA GLN B 300 -17.06 -21.19 19.43
C GLN B 300 -15.73 -21.32 18.71
N LEU B 301 -14.66 -20.81 19.33
CA LEU B 301 -13.33 -20.93 18.78
C LEU B 301 -12.97 -22.43 18.65
N ASP B 302 -13.21 -23.17 19.74
CA ASP B 302 -12.92 -24.60 19.76
C ASP B 302 -13.77 -25.37 18.74
N ALA B 303 -15.05 -25.03 18.62
CA ALA B 303 -15.93 -25.66 17.63
C ALA B 303 -15.40 -25.45 16.20
N THR B 304 -14.88 -24.25 15.95
CA THR B 304 -14.41 -23.90 14.63
C THR B 304 -13.10 -24.62 14.29
N ILE B 305 -12.23 -24.77 15.30
CA ILE B 305 -11.00 -25.55 15.16
C ILE B 305 -11.39 -26.94 14.69
N GLU B 306 -12.40 -27.52 15.34
CA GLU B 306 -12.79 -28.90 15.00
C GLU B 306 -13.38 -29.01 13.60
N MET B 307 -14.13 -28.00 13.16
CA MET B 307 -14.63 -28.01 11.79
C MET B 307 -13.52 -27.96 10.74
N LEU B 308 -12.53 -27.11 10.98
CA LEU B 308 -11.37 -27.01 10.10
C LEU B 308 -10.57 -28.30 10.08
N ARG B 309 -10.34 -28.89 11.25
CA ARG B 309 -9.64 -30.17 11.30
C ARG B 309 -10.41 -31.26 10.55
N ALA B 310 -11.72 -31.27 10.68
CA ALA B 310 -12.56 -32.25 9.96
C ALA B 310 -12.45 -32.11 8.45
N GLU B 311 -12.30 -30.88 7.96
CA GLU B 311 -12.11 -30.61 6.54
C GLU B 311 -10.70 -30.97 6.05
N GLY B 312 -9.76 -31.18 6.97
CA GLY B 312 -8.42 -31.60 6.61
C GLY B 312 -7.34 -30.59 6.86
N TYR B 313 -7.68 -29.43 7.44
CA TYR B 313 -6.70 -28.43 7.81
C TYR B 313 -5.89 -28.87 9.03
N VAL B 314 -4.60 -28.60 9.01
CA VAL B 314 -3.76 -28.70 10.19
C VAL B 314 -3.90 -27.40 10.96
N VAL B 315 -4.33 -27.49 12.22
CA VAL B 315 -4.62 -26.30 13.04
C VAL B 315 -3.79 -26.45 14.31
N GLU B 316 -2.97 -25.43 14.61
CA GLU B 316 -2.05 -25.46 15.75
C GLU B 316 -2.35 -24.35 16.74
N GLU B 317 -2.42 -24.70 18.02
CA GLU B 317 -2.56 -23.72 19.10
C GLU B 317 -1.20 -23.43 19.72
N ASN B 318 -1.10 -22.31 20.42
CA ASN B 318 0.12 -21.91 21.17
C ASN B 318 1.37 -21.88 20.31
N VAL B 319 1.24 -21.31 19.10
CA VAL B 319 2.37 -21.11 18.20
C VAL B 319 2.68 -19.63 17.90
N LEU B 320 1.79 -18.73 18.33
CA LEU B 320 2.00 -17.30 18.13
C LEU B 320 2.76 -16.66 19.28
N PRO B 321 3.60 -15.65 18.98
CA PRO B 321 4.29 -14.92 20.02
C PRO B 321 3.36 -13.95 20.75
N ASP B 322 3.92 -13.23 21.72
CA ASP B 322 3.19 -12.24 22.48
C ASP B 322 2.96 -11.01 21.58
N LEU B 323 1.69 -10.82 21.20
CA LEU B 323 1.29 -9.76 20.29
C LEU B 323 0.37 -8.74 20.95
N HIS B 324 0.43 -8.61 22.28
CA HIS B 324 -0.43 -7.65 22.98
C HIS B 324 -0.21 -6.18 22.53
N ARG B 325 0.97 -5.86 22.01
CA ARG B 325 1.20 -4.53 21.50
C ARG B 325 0.42 -4.20 20.25
N ALA B 326 0.04 -5.19 19.46
CA ALA B 326 -0.60 -4.92 18.17
C ALA B 326 -1.90 -4.12 18.31
N PRO B 327 -2.88 -4.59 19.11
CA PRO B 327 -4.07 -3.73 19.25
C PRO B 327 -3.78 -2.39 19.91
N GLU B 328 -2.81 -2.35 20.82
CA GLU B 328 -2.41 -1.12 21.47
C GLU B 328 -1.86 -0.08 20.49
N VAL B 329 -1.01 -0.52 19.57
CA VAL B 329 -0.44 0.36 18.55
C VAL B 329 -1.54 0.90 17.63
N TRP B 330 -2.51 0.05 17.25
CA TRP B 330 -3.67 0.55 16.51
C TRP B 330 -4.35 1.71 17.26
N ALA B 331 -4.62 1.49 18.56
CA ALA B 331 -5.31 2.50 19.35
C ALA B 331 -4.49 3.77 19.51
N GLU B 332 -3.18 3.61 19.64
CA GLU B 332 -2.28 4.75 19.72
C GLU B 332 -2.33 5.59 18.45
N ILE B 333 -2.24 4.94 17.30
CA ILE B 333 -2.18 5.65 16.04
C ILE B 333 -3.55 6.31 15.72
N VAL B 334 -4.62 5.53 15.84
CA VAL B 334 -5.96 6.04 15.55
C VAL B 334 -6.37 7.09 16.58
N GLY B 335 -6.16 6.77 17.86
CA GLY B 335 -6.53 7.67 18.95
C GLY B 335 -5.85 9.02 18.89
N THR B 336 -4.56 9.03 18.55
CA THR B 336 -3.83 10.28 18.50
C THR B 336 -4.43 11.17 17.41
N GLU B 337 -4.73 10.61 16.26
CA GLU B 337 -5.39 11.38 15.20
C GLU B 337 -6.80 11.84 15.59
N LEU B 338 -7.57 10.97 16.23
CA LEU B 338 -8.90 11.38 16.65
C LEU B 338 -8.86 12.52 17.65
N ILE B 339 -7.96 12.45 18.61
CA ILE B 339 -7.93 13.45 19.69
C ILE B 339 -7.24 14.75 19.29
N HIS B 340 -6.23 14.68 18.42
CA HIS B 340 -5.47 15.87 18.05
C HIS B 340 -5.85 16.53 16.74
N ARG B 341 -6.56 15.79 15.88
CA ARG B 341 -7.01 16.33 14.59
C ARG B 341 -8.53 16.35 14.43
N VAL B 342 -9.19 15.21 14.66
CA VAL B 342 -10.62 15.07 14.35
C VAL B 342 -11.52 15.84 15.32
N LEU B 343 -11.46 15.51 16.60
CA LEU B 343 -12.30 16.17 17.61
C LEU B 343 -12.18 17.69 17.63
N PRO B 344 -10.96 18.25 17.52
CA PRO B 344 -10.88 19.72 17.43
C PRO B 344 -11.75 20.32 16.30
N GLU B 345 -11.86 19.65 15.16
CA GLU B 345 -12.66 20.16 14.04
C GLU B 345 -14.17 19.90 14.14
N VAL B 346 -14.58 18.77 14.70
CA VAL B 346 -16.00 18.36 14.67
C VAL B 346 -16.69 18.19 16.01
N ALA B 347 -16.03 18.50 17.13
CA ALA B 347 -16.62 18.18 18.44
C ALA B 347 -18.05 18.73 18.63
N GLU B 348 -18.30 19.94 18.15
CA GLU B 348 -19.63 20.57 18.26
C GLU B 348 -20.72 19.94 17.34
N LEU B 349 -20.31 19.17 16.35
CA LEU B 349 -21.21 18.56 15.37
C LEU B 349 -21.58 17.11 15.68
N VAL B 350 -20.90 16.51 16.66
CA VAL B 350 -21.09 15.09 16.97
C VAL B 350 -21.80 14.94 18.31
N ILE B 351 -22.56 13.85 18.42
CA ILE B 351 -23.28 13.57 19.66
C ILE B 351 -22.31 13.32 20.81
N ALA B 352 -22.73 13.73 22.01
CA ALA B 352 -21.89 13.61 23.17
C ALA B 352 -21.40 12.18 23.46
N SER B 353 -22.24 11.17 23.23
CA SER B 353 -21.83 9.79 23.51
C SER B 353 -20.70 9.34 22.58
N GLU B 354 -20.66 9.88 21.36
CA GLU B 354 -19.55 9.62 20.44
C GLU B 354 -18.27 10.29 20.90
N ARG B 355 -18.34 11.58 21.22
CA ARG B 355 -17.19 12.30 21.76
C ARG B 355 -16.68 11.60 23.01
N MET B 356 -17.58 11.18 23.88
CA MET B 356 -17.15 10.57 25.13
C MET B 356 -16.59 9.17 24.95
N HIS B 357 -17.06 8.43 23.96
CA HIS B 357 -16.42 7.14 23.63
C HIS B 357 -14.97 7.36 23.17
N ILE B 358 -14.76 8.38 22.33
CA ILE B 358 -13.42 8.68 21.87
C ILE B 358 -12.50 9.08 23.03
N VAL B 359 -12.95 10.01 23.88
CA VAL B 359 -12.15 10.46 25.02
C VAL B 359 -11.92 9.32 26.02
N ASP B 360 -12.98 8.60 26.37
CA ASP B 360 -12.88 7.56 27.39
C ASP B 360 -12.01 6.39 26.96
N MET B 361 -12.16 5.93 25.70
CA MET B 361 -11.42 4.76 25.25
C MET B 361 -10.14 5.15 24.54
N PHE B 362 -10.24 5.91 23.46
CA PHE B 362 -9.04 6.29 22.71
C PHE B 362 -8.11 7.17 23.53
N GLY B 363 -8.66 7.95 24.46
CA GLY B 363 -7.82 8.75 25.36
C GLY B 363 -6.90 7.96 26.27
N ALA B 364 -7.24 6.69 26.52
CA ALA B 364 -6.39 5.78 27.28
C ALA B 364 -5.12 5.40 26.53
N TYR B 365 -5.16 5.45 25.20
CA TYR B 365 -4.06 5.00 24.35
C TYR B 365 -3.37 6.12 23.58
N GLU B 366 -4.02 7.25 23.38
CA GLU B 366 -3.46 8.32 22.55
C GLU B 366 -2.13 8.82 23.13
N LEU B 367 -1.26 9.26 22.23
CA LEU B 367 0.17 9.46 22.51
C LEU B 367 0.56 10.85 22.99
N GLY B 368 -0.42 11.74 23.08
CA GLY B 368 -0.18 13.14 23.40
C GLY B 368 0.18 13.91 22.15
N ALA B 369 0.60 15.15 22.35
CA ALA B 369 0.79 16.07 21.25
C ALA B 369 2.15 15.97 20.56
N ASP B 370 3.11 15.27 21.18
CA ASP B 370 4.48 15.26 20.64
C ASP B 370 4.59 14.37 19.41
N VAL B 371 4.97 14.95 18.28
CA VAL B 371 5.13 14.17 17.03
C VAL B 371 6.13 13.02 17.17
N GLY B 372 7.16 13.17 18.00
CA GLY B 372 8.10 12.09 18.24
C GLY B 372 7.43 10.79 18.69
N ALA B 373 6.43 10.91 19.55
CA ALA B 373 5.74 9.70 20.03
C ALA B 373 4.96 9.01 18.92
N TYR B 374 4.33 9.81 18.07
CA TYR B 374 3.59 9.28 16.91
C TYR B 374 4.54 8.56 15.94
N LEU B 375 5.67 9.17 15.65
CA LEU B 375 6.67 8.55 14.77
C LEU B 375 7.18 7.24 15.35
N THR B 376 7.36 7.19 16.66
CA THR B 376 7.77 5.96 17.32
C THR B 376 6.74 4.85 17.14
N ALA B 377 5.48 5.19 17.28
CA ALA B 377 4.39 4.22 17.09
C ALA B 377 4.31 3.72 15.64
N LEU B 378 4.58 4.60 14.68
CA LEU B 378 4.62 4.18 13.27
C LEU B 378 5.75 3.19 13.01
N GLU B 379 6.92 3.40 13.63
CA GLU B 379 8.01 2.42 13.53
C GLU B 379 7.60 1.07 14.11
N GLU B 380 6.93 1.10 15.27
CA GLU B 380 6.52 -0.12 15.92
C GLU B 380 5.48 -0.89 15.06
N ARG B 381 4.58 -0.15 14.43
CA ARG B 381 3.64 -0.77 13.48
C ARG B 381 4.40 -1.58 12.41
N SER B 382 5.43 -0.98 11.81
CA SER B 382 6.19 -1.67 10.76
C SER B 382 6.89 -2.90 11.31
N SER B 383 7.45 -2.81 12.51
CA SER B 383 8.10 -3.94 13.16
C SER B 383 7.14 -5.13 13.38
N ILE B 384 5.96 -4.83 13.92
CA ILE B 384 4.96 -5.86 14.16
C ILE B 384 4.51 -6.48 12.84
N GLN B 385 4.29 -5.63 11.85
CA GLN B 385 3.87 -6.13 10.54
C GLN B 385 4.86 -7.11 9.94
N MET B 386 6.15 -6.80 10.06
CA MET B 386 7.19 -7.68 9.52
C MET B 386 7.23 -9.00 10.28
N THR B 387 7.12 -8.94 11.60
CA THR B 387 7.11 -10.13 12.44
C THR B 387 5.96 -11.07 12.07
N VAL B 388 4.76 -10.51 11.96
CA VAL B 388 3.58 -11.31 11.65
C VAL B 388 3.63 -11.86 10.22
N ALA B 389 4.12 -11.08 9.28
CA ALA B 389 4.26 -11.55 7.89
C ALA B 389 5.18 -12.75 7.84
N ALA B 390 6.27 -12.71 8.62
CA ALA B 390 7.17 -13.87 8.69
C ALA B 390 6.50 -15.12 9.26
N LEU B 391 5.78 -14.97 10.36
CA LEU B 391 5.01 -16.09 10.94
CA LEU B 391 5.00 -16.08 10.95
C LEU B 391 3.98 -16.68 9.95
N MET B 392 3.37 -15.79 9.15
CA MET B 392 2.31 -16.20 8.27
C MET B 392 2.81 -16.87 7.00
N GLU B 393 4.12 -16.91 6.79
CA GLU B 393 4.69 -17.81 5.79
C GLU B 393 4.54 -19.28 6.20
N ARG B 394 4.58 -19.55 7.50
CA ARG B 394 4.31 -20.89 8.03
C ARG B 394 2.81 -21.11 8.28
N TYR B 395 2.18 -20.13 8.93
CA TYR B 395 0.75 -20.22 9.25
C TYR B 395 0.02 -19.20 8.42
N GLN B 396 -0.43 -19.63 7.24
CA GLN B 396 -0.99 -18.70 6.26
C GLN B 396 -2.39 -18.24 6.65
N LEU B 397 -3.01 -18.92 7.60
CA LEU B 397 -4.29 -18.50 8.16
C LEU B 397 -4.16 -18.40 9.67
N ILE B 398 -4.80 -17.37 10.23
CA ILE B 398 -4.96 -17.25 11.67
C ILE B 398 -6.46 -17.31 11.99
N LEU B 399 -6.82 -18.24 12.86
CA LEU B 399 -8.17 -18.36 13.39
C LEU B 399 -8.24 -17.64 14.73
N ALA B 400 -9.22 -16.77 14.90
CA ALA B 400 -9.28 -15.93 16.08
C ALA B 400 -10.71 -15.58 16.44
N PRO B 401 -10.98 -15.30 17.73
CA PRO B 401 -12.24 -14.63 18.01
C PRO B 401 -12.33 -13.31 17.28
N VAL B 402 -13.55 -12.81 17.08
CA VAL B 402 -13.78 -11.41 16.78
C VAL B 402 -13.89 -10.74 18.16
N ALA B 403 -15.09 -10.43 18.63
CA ALA B 403 -15.26 -9.88 19.98
C ALA B 403 -15.11 -10.94 21.04
N GLY B 404 -14.75 -10.48 22.24
CA GLY B 404 -14.63 -11.34 23.40
C GLY B 404 -15.96 -11.66 24.07
N MET B 405 -17.07 -11.15 23.54
CA MET B 405 -18.37 -11.40 24.11
C MET B 405 -19.42 -11.37 22.99
N PRO B 406 -20.58 -11.99 23.21
CA PRO B 406 -21.69 -11.83 22.27
C PRO B 406 -22.25 -10.41 22.33
N ALA B 407 -23.17 -10.08 21.42
CA ALA B 407 -23.69 -8.72 21.29
C ALA B 407 -24.09 -8.14 22.65
N PRO B 408 -23.40 -7.06 23.07
CA PRO B 408 -23.71 -6.46 24.38
C PRO B 408 -24.98 -5.61 24.37
N PRO B 409 -25.43 -5.20 25.56
CA PRO B 409 -26.58 -4.29 25.61
C PRO B 409 -26.32 -2.98 24.86
N LEU B 410 -27.39 -2.36 24.39
CA LEU B 410 -27.28 -1.12 23.60
C LEU B 410 -26.48 -0.01 24.27
N ASP B 411 -26.54 0.07 25.60
CA ASP B 411 -25.78 1.08 26.35
C ASP B 411 -24.34 0.70 26.75
N PHE B 412 -23.79 -0.38 26.17
CA PHE B 412 -22.50 -0.91 26.65
C PHE B 412 -21.32 0.05 26.60
N ASP B 413 -21.36 1.02 25.69
CA ASP B 413 -20.29 1.99 25.55
C ASP B 413 -20.77 3.43 25.70
N ASP B 414 -21.90 3.62 26.41
CA ASP B 414 -22.56 4.92 26.54
C ASP B 414 -22.13 5.57 27.87
N HIS B 415 -21.27 6.58 27.79
CA HIS B 415 -20.82 7.33 28.97
C HIS B 415 -20.30 6.39 30.06
N ILE B 416 -19.39 5.50 29.70
CA ILE B 416 -18.93 4.46 30.63
C ILE B 416 -17.65 4.80 31.41
N GLY B 417 -16.91 5.80 30.97
CA GLY B 417 -15.70 6.22 31.67
C GLY B 417 -14.47 5.46 31.26
N ARG B 418 -13.33 5.91 31.78
CA ARG B 418 -12.02 5.42 31.39
C ARG B 418 -11.78 3.95 31.76
N GLU B 419 -11.98 3.60 33.02
CA GLU B 419 -11.68 2.22 33.44
C GLU B 419 -12.55 1.19 32.69
N ALA B 420 -13.84 1.47 32.56
CA ALA B 420 -14.75 0.59 31.82
C ALA B 420 -14.39 0.53 30.34
N SER B 421 -13.89 1.64 29.81
CA SER B 421 -13.48 1.68 28.39
C SER B 421 -12.23 0.86 28.13
N ILE B 422 -11.28 0.87 29.06
CA ILE B 422 -10.11 -0.03 28.97
C ILE B 422 -10.57 -1.50 29.00
N ALA B 423 -11.49 -1.83 29.90
CA ALA B 423 -12.05 -3.18 29.97
C ALA B 423 -12.71 -3.59 28.66
N LEU B 424 -13.47 -2.67 28.05
CA LEU B 424 -14.09 -2.92 26.74
C LEU B 424 -13.01 -3.15 25.68
N PHE B 425 -12.01 -2.28 25.63
CA PHE B 425 -10.91 -2.46 24.68
C PHE B 425 -10.28 -3.84 24.85
N ASP B 426 -10.10 -4.28 26.09
CA ASP B 426 -9.51 -5.57 26.33
C ASP B 426 -10.35 -6.73 25.79
N GLN B 427 -11.67 -6.58 25.82
CA GLN B 427 -12.57 -7.57 25.22
C GLN B 427 -12.47 -7.63 23.70
N MET B 428 -11.98 -6.55 23.09
CA MET B 428 -11.93 -6.41 21.64
C MET B 428 -10.55 -6.62 21.02
N ARG B 429 -9.58 -7.07 21.81
CA ARG B 429 -8.18 -7.13 21.38
C ARG B 429 -7.89 -8.12 20.25
N CYS B 430 -8.81 -9.04 19.94
CA CYS B 430 -8.62 -9.88 18.75
C CYS B 430 -9.05 -9.21 17.47
N VAL B 431 -9.56 -7.98 17.54
CA VAL B 431 -10.11 -7.29 16.38
C VAL B 431 -9.14 -6.38 15.59
N PRO B 432 -8.58 -5.32 16.22
CA PRO B 432 -7.96 -4.26 15.39
C PRO B 432 -6.53 -4.52 14.96
N TRP B 433 -5.88 -5.57 15.47
CA TRP B 433 -4.54 -5.94 14.97
C TRP B 433 -4.60 -6.26 13.47
N VAL B 434 -5.76 -6.75 13.02
CA VAL B 434 -5.95 -7.10 11.62
C VAL B 434 -5.83 -5.86 10.75
N ASN B 435 -6.44 -4.78 11.20
CA ASN B 435 -6.37 -3.49 10.52
C ASN B 435 -4.99 -2.89 10.54
N LEU B 436 -4.37 -2.92 11.72
CA LEU B 436 -3.02 -2.36 11.88
C LEU B 436 -2.09 -2.94 10.84
N LEU B 437 -2.19 -4.25 10.63
CA LEU B 437 -1.23 -4.97 9.76
C LEU B 437 -1.67 -5.09 8.31
N GLY B 438 -2.87 -4.61 7.98
CA GLY B 438 -3.33 -4.58 6.59
C GLY B 438 -3.70 -5.95 6.04
N LEU B 439 -4.44 -6.72 6.83
CA LEU B 439 -4.78 -8.10 6.48
C LEU B 439 -6.26 -8.29 6.18
N PRO B 440 -6.58 -9.10 5.16
CA PRO B 440 -7.97 -9.50 4.95
C PRO B 440 -8.44 -10.48 6.03
N SER B 441 -9.74 -10.48 6.31
CA SER B 441 -10.32 -11.38 7.30
C SER B 441 -11.80 -11.59 7.06
N LEU B 442 -12.23 -12.85 7.15
CA LEU B 442 -13.66 -13.22 7.11
C LEU B 442 -14.18 -13.48 8.51
N ALA B 443 -15.17 -12.71 8.95
CA ALA B 443 -15.93 -13.01 10.14
C ALA B 443 -17.09 -13.96 9.81
N LEU B 444 -17.16 -15.04 10.58
CA LEU B 444 -18.22 -16.03 10.48
C LEU B 444 -19.36 -15.63 11.41
N PRO B 445 -20.58 -16.15 11.16
CA PRO B 445 -21.73 -15.76 11.97
C PRO B 445 -21.68 -16.17 13.43
N ASN B 446 -20.74 -17.03 13.79
CA ASN B 446 -20.54 -17.43 15.18
C ASN B 446 -19.50 -16.60 15.95
N GLY B 447 -19.03 -15.50 15.34
CA GLY B 447 -18.12 -14.61 16.03
C GLY B 447 -16.67 -15.02 16.03
N ILE B 448 -16.30 -15.89 15.11
CA ILE B 448 -14.91 -16.31 14.91
C ILE B 448 -14.50 -15.83 13.53
N GLN B 449 -13.23 -15.49 13.35
CA GLN B 449 -12.74 -14.99 12.06
C GLN B 449 -11.55 -15.79 11.56
N LEU B 450 -11.36 -15.74 10.25
CA LEU B 450 -10.22 -16.31 9.58
C LEU B 450 -9.46 -15.17 8.91
N VAL B 451 -8.23 -14.94 9.37
CA VAL B 451 -7.36 -13.87 8.89
C VAL B 451 -6.31 -14.47 7.97
N GLY B 452 -6.07 -13.83 6.84
CA GLY B 452 -5.06 -14.26 5.88
C GLY B 452 -4.04 -13.20 5.56
N ARG B 453 -3.09 -13.57 4.73
CA ARG B 453 -2.09 -12.63 4.28
C ARG B 453 -2.67 -11.68 3.25
N LYS B 454 -2.02 -10.54 3.08
CA LYS B 454 -2.31 -9.69 1.95
C LYS B 454 -2.37 -10.51 0.64
N HIS B 455 -3.38 -10.25 -0.17
CA HIS B 455 -3.64 -10.87 -1.49
C HIS B 455 -4.23 -12.26 -1.44
N ASP B 456 -4.40 -12.83 -0.25
CA ASP B 456 -4.82 -14.23 -0.10
C ASP B 456 -6.32 -14.39 0.20
N GLU B 457 -7.15 -13.50 -0.35
CA GLU B 457 -8.59 -13.54 -0.07
C GLU B 457 -9.24 -14.89 -0.39
N LEU B 458 -8.87 -15.53 -1.50
CA LEU B 458 -9.55 -16.78 -1.86
C LEU B 458 -9.19 -17.94 -0.93
N THR B 459 -7.98 -17.92 -0.36
CA THR B 459 -7.61 -18.91 0.65
C THR B 459 -8.48 -18.79 1.89
N ILE B 460 -8.75 -17.56 2.31
CA ILE B 460 -9.63 -17.31 3.45
C ILE B 460 -11.03 -17.83 3.16
N LEU B 461 -11.60 -17.50 2.02
CA LEU B 461 -12.97 -17.91 1.72
C LEU B 461 -13.08 -19.42 1.65
N ALA B 462 -12.05 -20.07 1.10
CA ALA B 462 -12.06 -21.53 1.05
C ALA B 462 -12.12 -22.13 2.46
N ALA B 463 -11.34 -21.58 3.38
CA ALA B 463 -11.34 -22.02 4.78
C ALA B 463 -12.67 -21.78 5.48
N GLY B 464 -13.29 -20.66 5.17
CA GLY B 464 -14.63 -20.36 5.69
C GLY B 464 -15.67 -21.40 5.31
N ARG B 465 -15.49 -22.00 4.15
CA ARG B 465 -16.43 -23.04 3.70
C ARG B 465 -16.35 -24.30 4.55
N ALA B 466 -15.27 -24.53 5.29
CA ALA B 466 -15.24 -25.63 6.27
C ALA B 466 -16.29 -25.44 7.36
N TYR B 467 -16.50 -24.18 7.74
CA TYR B 467 -17.54 -23.82 8.68
C TYR B 467 -18.91 -23.90 8.00
N GLU B 468 -19.04 -23.33 6.81
CA GLU B 468 -20.34 -23.29 6.15
C GLU B 468 -20.86 -24.70 5.85
N ARG B 469 -19.95 -25.62 5.57
CA ARG B 469 -20.35 -26.98 5.27
C ARG B 469 -20.98 -27.67 6.47
N ARG B 470 -20.63 -27.24 7.68
CA ARG B 470 -20.96 -27.97 8.90
C ARG B 470 -21.97 -27.25 9.78
N ALA B 471 -22.02 -25.93 9.69
CA ALA B 471 -22.88 -25.13 10.54
C ALA B 471 -24.31 -25.03 10.00
N PRO B 472 -25.29 -24.78 10.89
CA PRO B 472 -26.61 -24.46 10.36
C PRO B 472 -26.58 -23.22 9.49
N ARG B 473 -27.41 -23.20 8.47
CA ARG B 473 -27.53 -22.06 7.58
C ARG B 473 -27.99 -20.83 8.38
N VAL B 474 -27.45 -19.67 8.00
CA VAL B 474 -27.89 -18.40 8.57
C VAL B 474 -29.35 -18.15 8.19
N GLU B 475 -30.16 -17.81 9.18
CA GLU B 475 -31.57 -17.51 9.00
C GLU B 475 -31.80 -16.06 9.37
N ILE B 476 -32.74 -15.43 8.69
CA ILE B 476 -33.09 -14.06 9.06
C ILE B 476 -33.83 -14.00 10.39
N ALA B 477 -33.76 -12.84 11.01
CA ALA B 477 -34.49 -12.55 12.25
C ALA B 477 -35.66 -11.64 11.91
N THR B 478 -36.77 -11.81 12.63
CA THR B 478 -37.87 -10.86 12.55
C THR B 478 -37.85 -9.99 13.80
N PRO B 479 -37.54 -8.68 13.64
CA PRO B 479 -37.46 -7.76 14.78
C PRO B 479 -38.76 -7.77 15.57
N ALA B 480 -38.66 -7.98 16.87
CA ALA B 480 -39.84 -7.97 17.75
C ALA B 480 -39.41 -7.57 19.15
#